data_7XWH
#
_entry.id   7XWH
#
_cell.length_a   85.358
_cell.length_b   64.927
_cell.length_c   88.984
_cell.angle_alpha   90.000
_cell.angle_beta   107.100
_cell.angle_gamma   90.000
#
_symmetry.space_group_name_H-M   'P 1 21 1'
#
loop_
_entity.id
_entity.type
_entity.pdbx_description
1 polymer 'Short-chain dehydrogenase/reductase'
2 non-polymer 'NADP NICOTINAMIDE-ADENINE-DINUCLEOTIDE PHOSPHATE'
3 water water
#
_entity_poly.entity_id   1
_entity_poly.type   'polypeptide(L)'
_entity_poly.pdbx_seq_one_letter_code
;GAGAGAGAGAGMEQTYFISGANRGIGFSVVQRLAAKSGVKVIATARDPASATALNELAKENPQVKVVQLDISDEESIKKI
AKNVSQYTDSIDVFVSNAAIAKSFGPLLNTPREQWIEHFFTNVLGPIRLFQELYPLIKKGTQKKVFFISSNAGSLNLDFG
LDFSAYGQSKAALNYSTKELARQLKPENFIVAAVHPGVVTTDMGKGGERAFTAVDEVSAKKFFTPETKITPEESAAALCK
LFESLNTTGKYLSYDGTELPW
;
_entity_poly.pdbx_strand_id   A,B,C,D
#
# COMPACT_ATOMS: atom_id res chain seq x y z
N MET A 12 -3.78 13.80 -37.11
CA MET A 12 -2.77 14.33 -36.14
C MET A 12 -3.38 15.48 -35.29
N GLU A 13 -4.54 16.04 -35.67
CA GLU A 13 -5.27 17.01 -34.81
C GLU A 13 -5.77 16.25 -33.57
N GLN A 14 -5.52 16.82 -32.38
CA GLN A 14 -5.95 16.31 -31.06
C GLN A 14 -6.85 17.35 -30.40
N THR A 15 -7.97 16.91 -29.84
CA THR A 15 -8.82 17.73 -28.94
C THR A 15 -8.50 17.35 -27.49
N TYR A 16 -8.17 18.35 -26.69
CA TYR A 16 -8.14 18.26 -25.22
C TYR A 16 -9.39 18.92 -24.64
N PHE A 17 -9.87 18.37 -23.51
CA PHE A 17 -10.95 18.90 -22.65
C PHE A 17 -10.37 19.17 -21.26
N ILE A 18 -10.41 20.42 -20.81
CA ILE A 18 -10.02 20.80 -19.42
C ILE A 18 -11.21 21.47 -18.74
N SER A 19 -11.69 20.87 -17.64
CA SER A 19 -12.64 21.48 -16.66
C SER A 19 -11.85 22.48 -15.81
N GLY A 20 -12.37 23.70 -15.69
CA GLY A 20 -11.86 24.72 -14.76
C GLY A 20 -10.60 25.38 -15.29
N ALA A 21 -10.70 26.06 -16.42
CA ALA A 21 -9.53 26.59 -17.15
C ALA A 21 -9.46 28.11 -17.02
N ASN A 22 -10.25 28.74 -16.14
CA ASN A 22 -10.35 30.22 -16.00
C ASN A 22 -9.23 30.74 -15.10
N ARG A 23 -8.65 29.88 -14.27
CA ARG A 23 -7.53 30.25 -13.36
C ARG A 23 -6.81 28.97 -12.91
N GLY A 24 -5.73 29.15 -12.13
CA GLY A 24 -4.94 28.08 -11.52
C GLY A 24 -4.33 27.14 -12.54
N ILE A 25 -4.20 25.86 -12.18
CA ILE A 25 -3.50 24.85 -13.05
C ILE A 25 -4.26 24.75 -14.37
N GLY A 26 -5.60 24.76 -14.29
CA GLY A 26 -6.47 24.70 -15.46
C GLY A 26 -6.07 25.69 -16.55
N PHE A 27 -6.01 26.99 -16.22
CA PHE A 27 -5.63 28.06 -17.16
C PHE A 27 -4.25 27.78 -17.77
N SER A 28 -3.25 27.50 -16.91
CA SER A 28 -1.86 27.26 -17.35
C SER A 28 -1.84 26.06 -18.29
N VAL A 29 -2.59 24.99 -17.99
CA VAL A 29 -2.70 23.84 -18.94
C VAL A 29 -3.27 24.34 -20.29
N VAL A 30 -4.40 25.03 -20.28
CA VAL A 30 -4.98 25.51 -21.57
C VAL A 30 -3.94 26.39 -22.27
N GLN A 31 -3.24 27.22 -21.53
CA GLN A 31 -2.23 28.16 -22.08
C GLN A 31 -1.08 27.35 -22.69
N ARG A 32 -0.58 26.34 -21.96
CA ARG A 32 0.48 25.44 -22.46
C ARG A 32 0.01 24.75 -23.74
N LEU A 33 -1.22 24.21 -23.72
CA LEU A 33 -1.81 23.49 -24.88
C LEU A 33 -2.01 24.43 -26.07
N ALA A 34 -2.51 25.65 -25.85
CA ALA A 34 -2.78 26.64 -26.92
C ALA A 34 -1.52 26.90 -27.76
N ALA A 35 -0.34 26.80 -27.15
CA ALA A 35 0.98 27.00 -27.78
C ALA A 35 1.35 25.83 -28.70
N LYS A 36 0.88 24.63 -28.44
CA LYS A 36 1.12 23.46 -29.33
C LYS A 36 0.33 23.66 -30.64
N SER A 37 0.88 23.30 -31.80
CA SER A 37 0.08 23.23 -33.05
C SER A 37 -0.64 21.87 -33.15
N GLY A 38 -1.78 21.85 -33.85
CA GLY A 38 -2.64 20.67 -34.05
C GLY A 38 -3.30 20.20 -32.76
N VAL A 39 -3.61 21.13 -31.84
CA VAL A 39 -4.28 20.83 -30.55
C VAL A 39 -5.42 21.83 -30.38
N LYS A 40 -6.66 21.38 -30.59
CA LYS A 40 -7.91 22.08 -30.19
C LYS A 40 -8.11 21.92 -28.67
N VAL A 41 -8.51 22.97 -27.96
CA VAL A 41 -8.70 22.92 -26.48
C VAL A 41 -10.13 23.36 -26.14
N ILE A 42 -10.93 22.46 -25.58
CA ILE A 42 -12.23 22.79 -24.93
C ILE A 42 -11.95 23.12 -23.47
N ALA A 43 -11.97 24.41 -23.15
CA ALA A 43 -11.76 25.02 -21.82
C ALA A 43 -13.12 25.40 -21.23
N THR A 44 -13.39 24.98 -20.00
CA THR A 44 -14.68 25.25 -19.33
C THR A 44 -14.43 26.24 -18.18
N ALA A 45 -15.45 27.03 -17.87
CA ALA A 45 -15.49 27.96 -16.72
C ALA A 45 -16.91 27.94 -16.19
N ARG A 46 -17.11 27.96 -14.87
CA ARG A 46 -18.44 28.13 -14.23
C ARG A 46 -19.14 29.37 -14.79
N ASP A 47 -18.37 30.44 -14.99
CA ASP A 47 -18.86 31.77 -15.43
C ASP A 47 -17.91 32.31 -16.49
N PRO A 48 -18.00 31.85 -17.75
CA PRO A 48 -17.14 32.39 -18.81
C PRO A 48 -17.11 33.93 -18.89
N ALA A 49 -18.24 34.64 -18.86
CA ALA A 49 -18.32 36.12 -19.00
C ALA A 49 -17.16 36.81 -18.29
N SER A 50 -16.78 36.34 -17.09
CA SER A 50 -15.77 36.95 -16.18
C SER A 50 -14.44 36.19 -16.21
N ALA A 51 -14.22 35.33 -17.20
CA ALA A 51 -12.96 34.56 -17.38
C ALA A 51 -12.01 35.39 -18.25
N THR A 52 -11.57 36.56 -17.77
CA THR A 52 -10.89 37.61 -18.60
C THR A 52 -9.68 36.99 -19.31
N ALA A 53 -8.71 36.47 -18.57
CA ALA A 53 -7.47 35.90 -19.12
C ALA A 53 -7.81 34.78 -20.13
N LEU A 54 -8.73 33.87 -19.78
CA LEU A 54 -9.08 32.72 -20.64
C LEU A 54 -9.79 33.22 -21.91
N ASN A 55 -10.67 34.22 -21.79
CA ASN A 55 -11.38 34.79 -22.97
C ASN A 55 -10.35 35.46 -23.92
N GLU A 56 -9.38 36.21 -23.37
CA GLU A 56 -8.26 36.85 -24.12
C GLU A 56 -7.41 35.79 -24.80
N LEU A 57 -7.11 34.69 -24.12
CA LEU A 57 -6.39 33.53 -24.71
C LEU A 57 -7.16 33.08 -25.95
N ALA A 58 -8.46 32.80 -25.82
CA ALA A 58 -9.32 32.29 -26.90
C ALA A 58 -9.46 33.33 -28.02
N LYS A 59 -9.49 34.61 -27.70
CA LYS A 59 -9.64 35.67 -28.72
C LYS A 59 -8.44 35.66 -29.68
N GLU A 60 -7.22 35.47 -29.15
CA GLU A 60 -5.95 35.40 -29.90
C GLU A 60 -5.74 34.00 -30.47
N ASN A 61 -6.27 32.96 -29.82
CA ASN A 61 -6.05 31.53 -30.19
C ASN A 61 -7.42 30.92 -30.49
N PRO A 62 -7.91 30.98 -31.76
CA PRO A 62 -9.18 30.38 -32.10
C PRO A 62 -9.30 28.87 -31.78
N GLN A 63 -8.19 28.13 -31.61
CA GLN A 63 -8.23 26.68 -31.27
C GLN A 63 -8.68 26.50 -29.82
N VAL A 64 -8.79 27.57 -29.04
CA VAL A 64 -9.28 27.52 -27.65
C VAL A 64 -10.77 27.86 -27.66
N LYS A 65 -11.62 26.89 -27.27
CA LYS A 65 -13.09 27.02 -27.20
C LYS A 65 -13.49 27.09 -25.74
N VAL A 66 -14.18 28.16 -25.33
CA VAL A 66 -14.66 28.33 -23.92
C VAL A 66 -16.12 27.90 -23.84
N VAL A 67 -16.44 27.14 -22.79
CA VAL A 67 -17.76 26.50 -22.56
C VAL A 67 -18.09 26.58 -21.06
N GLN A 68 -19.36 26.84 -20.70
CA GLN A 68 -19.82 26.94 -19.29
C GLN A 68 -19.94 25.54 -18.69
N LEU A 69 -19.33 25.31 -17.53
CA LEU A 69 -19.52 24.07 -16.72
C LEU A 69 -19.44 24.36 -15.21
N ASP A 70 -20.50 23.99 -14.50
CA ASP A 70 -20.52 23.85 -13.02
C ASP A 70 -20.66 22.37 -12.69
N ILE A 71 -19.59 21.71 -12.24
CA ILE A 71 -19.60 20.25 -11.98
C ILE A 71 -20.43 19.94 -10.72
N SER A 72 -20.85 20.96 -9.95
CA SER A 72 -21.70 20.78 -8.73
C SER A 72 -23.17 20.70 -9.15
N ASP A 73 -23.47 21.07 -10.39
CA ASP A 73 -24.83 21.35 -10.88
C ASP A 73 -25.17 20.32 -11.95
N GLU A 74 -26.06 19.40 -11.61
CA GLU A 74 -26.50 18.32 -12.55
C GLU A 74 -27.01 18.96 -13.85
N GLU A 75 -27.58 20.19 -13.81
CA GLU A 75 -28.25 20.85 -14.97
C GLU A 75 -27.21 21.35 -15.97
N SER A 76 -26.08 21.83 -15.48
CA SER A 76 -24.84 22.15 -16.26
C SER A 76 -24.23 20.86 -16.86
N ILE A 77 -24.18 19.75 -16.11
CA ILE A 77 -23.57 18.47 -16.60
C ILE A 77 -24.43 17.87 -17.71
N LYS A 78 -25.73 17.93 -17.56
CA LYS A 78 -26.64 17.38 -18.61
C LYS A 78 -26.34 18.09 -19.95
N LYS A 79 -25.69 19.25 -19.95
CA LYS A 79 -25.59 20.07 -21.17
C LYS A 79 -24.19 19.96 -21.80
N ILE A 80 -23.19 19.43 -21.08
CA ILE A 80 -21.77 19.57 -21.47
C ILE A 80 -21.52 18.79 -22.77
N ALA A 81 -22.12 17.61 -22.93
CA ALA A 81 -21.90 16.75 -24.11
C ALA A 81 -22.34 17.50 -25.36
N LYS A 82 -23.62 17.89 -25.47
CA LYS A 82 -24.17 18.57 -26.68
C LYS A 82 -23.35 19.86 -26.95
N ASN A 83 -22.94 20.57 -25.91
CA ASN A 83 -22.30 21.91 -26.02
C ASN A 83 -20.85 21.72 -26.48
N VAL A 84 -20.12 20.75 -25.89
CA VAL A 84 -18.75 20.40 -26.38
C VAL A 84 -18.86 19.96 -27.85
N SER A 85 -19.96 19.29 -28.22
CA SER A 85 -20.19 18.65 -29.54
C SER A 85 -20.31 19.70 -30.66
N GLN A 86 -20.71 20.93 -30.33
CA GLN A 86 -20.72 22.08 -31.27
C GLN A 86 -19.29 22.45 -31.72
N TYR A 87 -18.27 22.04 -30.96
CA TYR A 87 -16.89 22.50 -31.17
C TYR A 87 -15.98 21.36 -31.61
N THR A 88 -16.39 20.10 -31.45
CA THR A 88 -15.52 18.92 -31.76
C THR A 88 -16.36 17.65 -31.90
N ASP A 89 -15.87 16.69 -32.68
CA ASP A 89 -16.53 15.39 -32.88
C ASP A 89 -15.99 14.39 -31.87
N SER A 90 -14.82 14.65 -31.30
CA SER A 90 -14.19 13.74 -30.34
C SER A 90 -13.35 14.54 -29.32
N ILE A 91 -13.06 13.87 -28.20
CA ILE A 91 -12.03 14.27 -27.21
C ILE A 91 -10.94 13.20 -27.17
N ASP A 92 -9.70 13.62 -27.39
CA ASP A 92 -8.49 12.76 -27.30
C ASP A 92 -8.11 12.61 -25.83
N VAL A 93 -7.98 13.75 -25.16
CA VAL A 93 -7.51 13.79 -23.74
C VAL A 93 -8.56 14.56 -22.95
N PHE A 94 -9.13 13.87 -21.97
CA PHE A 94 -10.09 14.38 -20.97
C PHE A 94 -9.34 14.78 -19.70
N VAL A 95 -9.43 16.01 -19.24
CA VAL A 95 -8.78 16.37 -17.95
C VAL A 95 -9.86 16.97 -17.03
N SER A 96 -10.20 16.25 -15.95
CA SER A 96 -11.08 16.70 -14.84
C SER A 96 -10.19 17.45 -13.86
N ASN A 97 -10.10 18.76 -14.02
CA ASN A 97 -9.18 19.63 -13.23
C ASN A 97 -10.02 20.40 -12.22
N ALA A 98 -11.16 20.99 -12.63
CA ALA A 98 -12.07 21.73 -11.72
C ALA A 98 -12.36 20.87 -10.50
N ALA A 99 -12.18 21.47 -9.33
CA ALA A 99 -12.37 20.90 -7.98
C ALA A 99 -12.50 22.02 -6.97
N ILE A 100 -12.85 21.67 -5.74
CA ILE A 100 -12.74 22.59 -4.60
C ILE A 100 -11.76 22.01 -3.58
N ALA A 101 -11.29 22.88 -2.70
CA ALA A 101 -10.46 22.56 -1.54
C ALA A 101 -10.82 23.57 -0.42
N LYS A 102 -11.93 23.33 0.28
CA LYS A 102 -12.58 24.30 1.23
C LYS A 102 -12.84 23.61 2.56
N SER A 103 -12.11 22.55 2.88
CA SER A 103 -12.35 21.77 4.12
C SER A 103 -11.10 21.01 4.53
N PHE A 104 -10.49 21.43 5.63
CA PHE A 104 -9.32 20.76 6.27
C PHE A 104 -9.60 20.65 7.76
N GLY A 105 -8.70 19.99 8.47
CA GLY A 105 -8.80 19.90 9.93
C GLY A 105 -9.79 18.83 10.37
N PRO A 106 -9.94 18.70 11.72
CA PRO A 106 -10.46 17.49 12.34
C PRO A 106 -11.90 17.15 11.95
N LEU A 107 -12.23 15.86 12.06
CA LEU A 107 -13.54 15.33 11.63
C LEU A 107 -14.64 15.98 12.47
N LEU A 108 -14.38 16.18 13.76
CA LEU A 108 -15.36 16.70 14.75
C LEU A 108 -15.70 18.18 14.48
N ASN A 109 -14.84 18.91 13.76
CA ASN A 109 -15.02 20.35 13.48
C ASN A 109 -15.53 20.55 12.06
N THR A 110 -15.67 19.48 11.28
CA THR A 110 -16.13 19.59 9.87
C THR A 110 -17.63 19.46 9.83
N PRO A 111 -18.39 20.55 9.61
CA PRO A 111 -19.86 20.47 9.60
C PRO A 111 -20.36 19.68 8.39
N ARG A 112 -21.53 19.08 8.53
CA ARG A 112 -22.29 18.35 7.47
C ARG A 112 -22.06 18.95 6.07
N GLU A 113 -22.13 20.26 5.92
CA GLU A 113 -22.26 20.93 4.59
C GLU A 113 -20.96 20.79 3.81
N GLN A 114 -19.80 20.77 4.50
CA GLN A 114 -18.47 20.71 3.86
C GLN A 114 -18.30 19.29 3.30
N TRP A 115 -18.81 18.26 4.00
CA TRP A 115 -18.74 16.86 3.53
C TRP A 115 -19.54 16.74 2.25
N ILE A 116 -20.76 17.27 2.28
CA ILE A 116 -21.70 17.20 1.13
C ILE A 116 -21.01 17.91 -0.04
N GLU A 117 -20.56 19.13 0.15
CA GLU A 117 -20.13 19.98 -1.01
C GLU A 117 -18.95 19.28 -1.68
N HIS A 118 -18.06 18.69 -0.90
CA HIS A 118 -16.83 18.02 -1.41
C HIS A 118 -17.21 16.76 -2.19
N PHE A 119 -18.17 16.01 -1.67
CA PHE A 119 -18.73 14.85 -2.40
C PHE A 119 -19.27 15.31 -3.76
N PHE A 120 -20.21 16.25 -3.79
CA PHE A 120 -20.90 16.69 -5.02
C PHE A 120 -19.91 17.27 -6.03
N THR A 121 -19.00 18.15 -5.60
CA THR A 121 -18.08 18.88 -6.50
C THR A 121 -16.89 18.00 -6.89
N ASN A 122 -16.33 17.19 -5.96
CA ASN A 122 -15.00 16.53 -6.15
C ASN A 122 -15.13 15.04 -6.50
N VAL A 123 -16.25 14.38 -6.23
CA VAL A 123 -16.48 12.94 -6.53
C VAL A 123 -17.53 12.85 -7.66
N LEU A 124 -18.78 13.27 -7.40
CA LEU A 124 -19.90 13.05 -8.33
C LEU A 124 -19.73 13.96 -9.54
N GLY A 125 -19.24 15.16 -9.36
CA GLY A 125 -19.03 16.05 -10.50
C GLY A 125 -18.22 15.36 -11.58
N PRO A 126 -16.96 14.97 -11.30
CA PRO A 126 -16.11 14.33 -12.29
C PRO A 126 -16.62 13.02 -12.88
N ILE A 127 -17.22 12.19 -12.05
CA ILE A 127 -17.85 10.93 -12.52
C ILE A 127 -18.89 11.30 -13.57
N ARG A 128 -19.82 12.17 -13.21
CA ARG A 128 -20.93 12.58 -14.11
C ARG A 128 -20.34 13.23 -15.37
N LEU A 129 -19.33 14.10 -15.19
CA LEU A 129 -18.70 14.80 -16.33
C LEU A 129 -18.11 13.72 -17.24
N PHE A 130 -17.37 12.77 -16.69
CA PHE A 130 -16.80 11.66 -17.51
C PHE A 130 -17.91 10.86 -18.22
N GLN A 131 -18.91 10.40 -17.48
CA GLN A 131 -20.12 9.74 -18.05
C GLN A 131 -20.62 10.48 -19.29
N GLU A 132 -20.85 11.79 -19.15
CA GLU A 132 -21.42 12.63 -20.23
C GLU A 132 -20.44 12.66 -21.42
N LEU A 133 -19.13 12.74 -21.15
CA LEU A 133 -18.12 12.99 -22.20
C LEU A 133 -17.49 11.70 -22.74
N TYR A 134 -17.71 10.54 -22.13
CA TYR A 134 -17.18 9.23 -22.57
C TYR A 134 -17.41 8.98 -24.07
N PRO A 135 -18.63 9.16 -24.64
CA PRO A 135 -18.86 8.82 -26.04
C PRO A 135 -17.98 9.66 -26.97
N LEU A 136 -17.80 10.96 -26.68
CA LEU A 136 -16.85 11.85 -27.42
C LEU A 136 -15.44 11.28 -27.29
N ILE A 137 -15.10 10.79 -26.11
CA ILE A 137 -13.72 10.27 -25.87
C ILE A 137 -13.59 8.91 -26.59
N LYS A 138 -14.63 8.08 -26.60
CA LYS A 138 -14.61 6.77 -27.34
C LYS A 138 -14.28 7.06 -28.83
N LYS A 139 -14.82 8.15 -29.37
CA LYS A 139 -14.74 8.55 -30.80
C LYS A 139 -13.37 9.11 -31.18
N GLY A 140 -12.51 9.43 -30.23
CA GLY A 140 -11.18 10.02 -30.53
C GLY A 140 -10.10 8.96 -30.57
N THR A 141 -8.87 9.37 -30.88
CA THR A 141 -7.68 8.48 -31.02
C THR A 141 -7.00 8.19 -29.68
N GLN A 142 -6.62 9.21 -28.91
CA GLN A 142 -5.74 9.02 -27.74
C GLN A 142 -6.44 8.25 -26.60
N LYS A 143 -7.73 8.47 -26.36
CA LYS A 143 -8.54 7.78 -25.29
C LYS A 143 -7.81 7.90 -23.96
N LYS A 144 -7.45 9.12 -23.61
CA LYS A 144 -6.75 9.42 -22.36
C LYS A 144 -7.74 10.11 -21.44
N VAL A 145 -7.76 9.70 -20.17
CA VAL A 145 -8.77 10.12 -19.16
C VAL A 145 -8.02 10.43 -17.87
N PHE A 146 -7.79 11.71 -17.61
CA PHE A 146 -7.03 12.14 -16.42
C PHE A 146 -7.98 12.81 -15.44
N PHE A 147 -7.94 12.35 -14.19
CA PHE A 147 -8.58 13.02 -13.04
C PHE A 147 -7.49 13.69 -12.22
N ILE A 148 -7.60 15.02 -12.07
CA ILE A 148 -6.61 15.75 -11.25
C ILE A 148 -6.99 15.44 -9.81
N SER A 149 -6.12 14.67 -9.17
CA SER A 149 -6.29 14.17 -7.78
C SER A 149 -5.37 14.98 -6.88
N SER A 150 -4.96 14.42 -5.76
CA SER A 150 -4.00 15.02 -4.80
C SER A 150 -3.26 13.86 -4.17
N ASN A 151 -1.99 14.06 -3.78
CA ASN A 151 -1.29 13.07 -2.93
C ASN A 151 -2.06 12.94 -1.62
N ALA A 152 -2.84 13.96 -1.24
CA ALA A 152 -3.63 14.02 0.00
C ALA A 152 -4.74 12.97 0.00
N GLY A 153 -5.14 12.49 -1.20
CA GLY A 153 -6.15 11.43 -1.36
C GLY A 153 -5.60 10.03 -1.14
N SER A 154 -4.27 9.88 -1.01
CA SER A 154 -3.67 8.55 -0.79
C SER A 154 -4.15 7.98 0.55
N LEU A 155 -4.52 6.71 0.54
CA LEU A 155 -4.84 5.99 1.78
C LEU A 155 -3.54 5.54 2.46
N ASN A 156 -2.36 5.81 1.89
CA ASN A 156 -1.09 5.21 2.37
C ASN A 156 0.05 6.22 2.46
N LEU A 157 -0.23 7.52 2.37
CA LEU A 157 0.75 8.60 2.68
C LEU A 157 0.29 9.31 3.96
N ASP A 158 1.21 9.69 4.83
CA ASP A 158 0.91 10.45 6.06
C ASP A 158 1.72 11.72 5.97
N PHE A 159 1.04 12.84 5.88
CA PHE A 159 1.64 14.20 5.87
C PHE A 159 1.45 14.89 7.23
N GLY A 160 0.81 14.24 8.22
CA GLY A 160 0.61 14.79 9.57
C GLY A 160 -0.58 15.73 9.64
N LEU A 161 -0.95 16.32 8.50
CA LEU A 161 -2.07 17.27 8.34
C LEU A 161 -3.40 16.49 8.23
N ASP A 162 -4.51 17.17 8.52
CA ASP A 162 -5.89 16.67 8.34
C ASP A 162 -6.41 17.26 7.03
N PHE A 163 -6.98 16.44 6.16
CA PHE A 163 -7.54 16.90 4.85
C PHE A 163 -9.07 16.75 4.85
N SER A 164 -9.67 16.25 5.92
CA SER A 164 -11.12 16.34 6.12
C SER A 164 -11.85 15.91 4.83
N ALA A 165 -12.80 16.71 4.35
CA ALA A 165 -13.70 16.40 3.24
C ALA A 165 -12.95 16.50 1.91
N TYR A 166 -11.93 17.35 1.82
CA TYR A 166 -11.11 17.49 0.59
C TYR A 166 -10.40 16.16 0.34
N GLY A 167 -9.66 15.67 1.34
CA GLY A 167 -8.90 14.42 1.19
C GLY A 167 -9.81 13.22 0.96
N GLN A 168 -10.91 13.13 1.74
CA GLN A 168 -11.94 12.07 1.62
C GLN A 168 -12.42 12.07 0.15
N SER A 169 -12.66 13.25 -0.42
CA SER A 169 -13.24 13.41 -1.78
C SER A 169 -12.20 12.92 -2.79
N LYS A 170 -10.92 13.17 -2.50
CA LYS A 170 -9.83 12.76 -3.42
C LYS A 170 -9.63 11.23 -3.31
N ALA A 171 -9.77 10.65 -2.12
CA ALA A 171 -9.70 9.17 -1.94
C ALA A 171 -10.87 8.52 -2.67
N ALA A 172 -12.08 9.04 -2.51
CA ALA A 172 -13.30 8.47 -3.13
C ALA A 172 -13.11 8.48 -4.66
N LEU A 173 -12.66 9.60 -5.21
CA LEU A 173 -12.53 9.70 -6.69
C LEU A 173 -11.41 8.78 -7.12
N ASN A 174 -10.33 8.71 -6.33
CA ASN A 174 -9.21 7.75 -6.56
C ASN A 174 -9.77 6.33 -6.68
N TYR A 175 -10.52 5.87 -5.68
CA TYR A 175 -11.09 4.50 -5.67
C TYR A 175 -11.82 4.27 -6.99
N SER A 176 -12.70 5.20 -7.40
CA SER A 176 -13.55 5.05 -8.60
C SER A 176 -12.69 5.16 -9.86
N THR A 177 -11.63 5.97 -9.84
CA THR A 177 -10.70 6.15 -11.00
C THR A 177 -10.03 4.80 -11.37
N LYS A 178 -9.50 4.14 -10.35
CA LYS A 178 -8.87 2.79 -10.38
C LYS A 178 -9.83 1.76 -10.95
N GLU A 179 -11.10 1.78 -10.53
CA GLU A 179 -12.14 0.84 -11.05
C GLU A 179 -12.38 1.15 -12.52
N LEU A 180 -12.45 2.43 -12.87
CA LEU A 180 -12.66 2.87 -14.27
C LEU A 180 -11.50 2.41 -15.17
N ALA A 181 -10.24 2.54 -14.71
CA ALA A 181 -9.06 2.06 -15.46
C ALA A 181 -9.28 0.58 -15.77
N ARG A 182 -9.74 -0.22 -14.82
CA ARG A 182 -10.07 -1.65 -15.08
C ARG A 182 -11.16 -1.72 -16.15
N GLN A 183 -12.30 -1.06 -15.93
CA GLN A 183 -13.48 -1.22 -16.84
C GLN A 183 -13.10 -0.88 -18.29
N LEU A 184 -12.21 0.08 -18.52
CA LEU A 184 -12.01 0.65 -19.87
C LEU A 184 -10.67 0.20 -20.45
N LYS A 185 -9.91 -0.65 -19.76
CA LYS A 185 -8.71 -1.32 -20.35
C LYS A 185 -9.09 -2.07 -21.63
N PRO A 186 -10.20 -2.83 -21.66
CA PRO A 186 -10.61 -3.51 -22.88
C PRO A 186 -10.95 -2.60 -24.08
N GLU A 187 -11.21 -1.31 -23.87
CA GLU A 187 -11.50 -0.32 -24.94
C GLU A 187 -10.24 0.51 -25.22
N ASN A 188 -9.11 0.11 -24.63
CA ASN A 188 -7.77 0.71 -24.84
C ASN A 188 -7.76 2.16 -24.40
N PHE A 189 -8.50 2.47 -23.33
CA PHE A 189 -8.42 3.77 -22.61
C PHE A 189 -7.17 3.79 -21.73
N ILE A 190 -6.55 4.96 -21.63
CA ILE A 190 -5.55 5.28 -20.58
C ILE A 190 -6.24 6.11 -19.49
N VAL A 191 -6.41 5.56 -18.30
CA VAL A 191 -7.02 6.27 -17.13
C VAL A 191 -5.98 6.45 -16.01
N ALA A 192 -5.86 7.66 -15.50
CA ALA A 192 -4.88 8.02 -14.46
C ALA A 192 -5.51 9.01 -13.48
N ALA A 193 -5.21 8.86 -12.20
CA ALA A 193 -5.30 9.95 -11.21
C ALA A 193 -3.93 10.60 -11.18
N VAL A 194 -3.91 11.93 -11.17
CA VAL A 194 -2.66 12.75 -11.18
C VAL A 194 -2.72 13.84 -10.10
N HIS A 195 -1.77 13.77 -9.16
CA HIS A 195 -1.32 14.89 -8.30
C HIS A 195 -0.55 15.90 -9.14
N PRO A 196 -1.04 17.16 -9.24
CA PRO A 196 -0.40 18.18 -10.07
C PRO A 196 0.72 18.96 -9.35
N GLY A 197 1.03 18.56 -8.12
CA GLY A 197 1.94 19.32 -7.25
C GLY A 197 1.16 20.21 -6.32
N VAL A 198 1.85 20.79 -5.34
CA VAL A 198 1.26 21.81 -4.44
C VAL A 198 1.67 23.19 -4.99
N VAL A 199 0.69 24.00 -5.40
CA VAL A 199 0.85 25.36 -5.99
C VAL A 199 0.07 26.36 -5.13
N THR A 227 7.69 21.34 -1.00
CA THR A 227 8.00 22.64 -1.65
C THR A 227 6.99 22.91 -2.76
N LYS A 228 6.57 24.17 -2.91
CA LYS A 228 5.57 24.60 -3.90
C LYS A 228 6.21 24.60 -5.29
N ILE A 229 5.41 24.37 -6.33
CA ILE A 229 5.70 24.78 -7.73
C ILE A 229 4.63 25.77 -8.16
N THR A 230 4.87 26.47 -9.27
CA THR A 230 3.92 27.44 -9.85
C THR A 230 2.92 26.68 -10.72
N PRO A 231 1.76 27.28 -11.01
CA PRO A 231 0.79 26.63 -11.89
C PRO A 231 1.38 26.40 -13.29
N GLU A 232 2.25 27.29 -13.79
CA GLU A 232 2.86 27.15 -15.12
C GLU A 232 3.83 25.96 -15.14
N GLU A 233 4.58 25.70 -14.07
CA GLU A 233 5.50 24.50 -13.99
C GLU A 233 4.63 23.24 -13.93
N SER A 234 3.65 23.25 -13.03
CA SER A 234 2.64 22.17 -12.92
C SER A 234 2.06 21.86 -14.30
N ALA A 235 1.63 22.90 -15.02
CA ALA A 235 1.02 22.78 -16.38
C ALA A 235 2.02 22.16 -17.36
N ALA A 236 3.27 22.64 -17.40
CA ALA A 236 4.32 22.09 -18.30
C ALA A 236 4.54 20.58 -18.04
N ALA A 237 4.63 20.18 -16.77
CA ALA A 237 4.87 18.79 -16.35
C ALA A 237 3.62 17.95 -16.64
N LEU A 238 2.43 18.46 -16.32
CA LEU A 238 1.15 17.75 -16.59
C LEU A 238 1.01 17.53 -18.10
N CYS A 239 1.26 18.52 -18.94
CA CYS A 239 1.06 18.36 -20.41
C CYS A 239 2.06 17.33 -20.98
N LYS A 240 3.30 17.29 -20.47
CA LYS A 240 4.31 16.26 -20.78
C LYS A 240 3.69 14.89 -20.47
N LEU A 241 3.12 14.74 -19.28
CA LEU A 241 2.56 13.47 -18.76
C LEU A 241 1.39 13.03 -19.64
N PHE A 242 0.50 13.96 -19.99
CA PHE A 242 -0.70 13.63 -20.78
C PHE A 242 -0.22 13.01 -22.10
N GLU A 243 0.80 13.60 -22.72
CA GLU A 243 1.28 13.22 -24.06
C GLU A 243 1.97 11.84 -23.98
N SER A 244 2.69 11.57 -22.89
CA SER A 244 3.66 10.44 -22.83
C SER A 244 2.99 9.20 -22.20
N LEU A 245 2.05 9.37 -21.28
CA LEU A 245 1.51 8.21 -20.52
C LEU A 245 0.93 7.21 -21.52
N ASN A 246 1.44 5.98 -21.50
CA ASN A 246 0.98 4.93 -22.45
C ASN A 246 0.44 3.72 -21.67
N THR A 247 0.16 3.87 -20.37
CA THR A 247 -0.39 2.75 -19.56
C THR A 247 -1.49 3.25 -18.60
N THR A 248 -2.53 2.44 -18.43
CA THR A 248 -3.75 2.76 -17.64
C THR A 248 -3.55 2.40 -16.17
N GLY A 249 -4.42 2.92 -15.31
CA GLY A 249 -4.54 2.50 -13.90
C GLY A 249 -3.49 3.10 -12.99
N LYS A 250 -2.76 4.13 -13.41
CA LYS A 250 -1.72 4.75 -12.54
C LYS A 250 -2.31 5.88 -11.69
N TYR A 251 -1.80 5.97 -10.45
CA TYR A 251 -1.82 7.15 -9.55
C TYR A 251 -0.44 7.81 -9.67
N LEU A 252 -0.36 8.98 -10.26
CA LEU A 252 0.93 9.66 -10.61
C LEU A 252 0.99 11.03 -9.97
N SER A 253 2.20 11.45 -9.68
CA SER A 253 2.59 12.86 -9.45
C SER A 253 2.92 13.48 -10.80
N TYR A 254 2.91 14.81 -10.88
CA TYR A 254 3.16 15.62 -12.11
C TYR A 254 4.46 15.23 -12.82
N ASP A 255 5.45 14.79 -12.05
CA ASP A 255 6.79 14.42 -12.56
C ASP A 255 6.77 13.00 -13.19
N GLY A 256 5.63 12.32 -13.23
CA GLY A 256 5.57 10.95 -13.80
C GLY A 256 5.91 9.83 -12.82
N THR A 257 6.44 10.10 -11.63
CA THR A 257 6.55 9.08 -10.55
C THR A 257 5.17 8.67 -10.03
N GLU A 258 5.10 7.43 -9.53
CA GLU A 258 3.87 6.80 -9.04
C GLU A 258 3.65 7.15 -7.57
N LEU A 259 2.37 7.24 -7.20
CA LEU A 259 1.94 7.41 -5.80
C LEU A 259 1.19 6.15 -5.41
N PRO A 260 1.32 5.72 -4.15
CA PRO A 260 0.52 4.59 -3.68
C PRO A 260 -0.94 5.05 -3.54
N TRP A 261 -1.87 4.19 -3.92
CA TRP A 261 -3.32 4.36 -3.60
C TRP A 261 -3.49 4.30 -2.09
N MET B 12 6.37 -17.31 -35.66
CA MET B 12 5.18 -17.62 -34.82
C MET B 12 5.55 -18.58 -33.69
N GLU B 13 6.60 -19.41 -33.85
CA GLU B 13 7.11 -20.34 -32.79
C GLU B 13 7.65 -19.49 -31.63
N GLN B 14 7.29 -19.85 -30.38
CA GLN B 14 7.79 -19.22 -29.12
C GLN B 14 8.63 -20.22 -28.30
N THR B 15 9.67 -19.69 -27.68
CA THR B 15 10.45 -20.39 -26.64
C THR B 15 10.11 -19.85 -25.25
N TYR B 16 9.72 -20.78 -24.35
CA TYR B 16 9.61 -20.58 -22.88
C TYR B 16 10.83 -21.19 -22.17
N PHE B 17 11.23 -20.55 -21.06
CA PHE B 17 12.26 -20.98 -20.09
C PHE B 17 11.58 -21.12 -18.74
N ILE B 18 11.57 -22.31 -18.17
CA ILE B 18 11.08 -22.56 -16.79
C ILE B 18 12.25 -23.09 -15.93
N SER B 19 12.65 -22.38 -14.87
CA SER B 19 13.52 -22.93 -13.79
C SER B 19 12.69 -23.86 -12.91
N GLY B 20 13.24 -25.02 -12.56
CA GLY B 20 12.67 -25.96 -11.58
C GLY B 20 11.47 -26.68 -12.14
N ALA B 21 11.67 -27.48 -13.19
CA ALA B 21 10.59 -28.06 -14.00
C ALA B 21 10.44 -29.57 -13.75
N ASN B 22 11.16 -30.16 -12.78
CA ASN B 22 11.16 -31.66 -12.58
C ASN B 22 9.98 -32.07 -11.71
N ARG B 23 9.36 -31.11 -11.02
CA ARG B 23 8.21 -31.35 -10.11
C ARG B 23 7.53 -30.03 -9.74
N GLY B 24 6.47 -30.12 -8.94
CA GLY B 24 5.62 -28.99 -8.53
C GLY B 24 5.06 -28.23 -9.71
N ILE B 25 4.93 -26.92 -9.53
CA ILE B 25 4.26 -26.02 -10.52
C ILE B 25 5.07 -26.03 -11.81
N GLY B 26 6.40 -26.08 -11.68
CA GLY B 26 7.30 -26.01 -12.83
C GLY B 26 7.03 -27.14 -13.80
N PHE B 27 6.99 -28.38 -13.29
CA PHE B 27 6.64 -29.56 -14.11
C PHE B 27 5.27 -29.34 -14.76
N SER B 28 4.26 -28.98 -13.97
CA SER B 28 2.86 -28.78 -14.48
C SER B 28 2.86 -27.70 -15.58
N VAL B 29 3.62 -26.60 -15.41
CA VAL B 29 3.76 -25.55 -16.47
C VAL B 29 4.41 -26.16 -17.73
N VAL B 30 5.54 -26.84 -17.60
CA VAL B 30 6.19 -27.50 -18.78
C VAL B 30 5.21 -28.52 -19.40
N GLN B 31 4.55 -29.35 -18.57
CA GLN B 31 3.49 -30.32 -19.00
C GLN B 31 2.48 -29.50 -19.81
N ARG B 32 2.01 -28.36 -19.27
CA ARG B 32 0.98 -27.50 -19.93
C ARG B 32 1.53 -26.92 -21.25
N LEU B 33 2.75 -26.35 -21.26
CA LEU B 33 3.27 -25.72 -22.50
C LEU B 33 3.57 -26.78 -23.56
N ALA B 34 3.97 -27.99 -23.19
CA ALA B 34 4.33 -29.08 -24.15
C ALA B 34 3.10 -29.49 -24.99
N ALA B 35 1.89 -29.31 -24.48
CA ALA B 35 0.62 -29.57 -25.18
C ALA B 35 0.34 -28.53 -26.29
N LYS B 36 0.83 -27.30 -26.17
CA LYS B 36 0.56 -26.21 -27.15
C LYS B 36 1.45 -26.39 -28.38
N SER B 37 0.93 -26.21 -29.59
CA SER B 37 1.76 -26.27 -30.83
C SER B 37 2.64 -25.02 -30.91
N GLY B 38 3.84 -25.18 -31.49
CA GLY B 38 4.82 -24.10 -31.75
C GLY B 38 5.31 -23.45 -30.48
N VAL B 39 5.43 -24.20 -29.37
CA VAL B 39 6.04 -23.68 -28.12
C VAL B 39 7.22 -24.59 -27.81
N LYS B 40 8.45 -24.11 -27.94
CA LYS B 40 9.67 -24.78 -27.43
C LYS B 40 9.77 -24.47 -25.92
N VAL B 41 10.11 -25.47 -25.09
CA VAL B 41 10.24 -25.30 -23.61
C VAL B 41 11.64 -25.66 -23.16
N ILE B 42 12.42 -24.68 -22.69
CA ILE B 42 13.68 -24.98 -21.97
C ILE B 42 13.32 -25.18 -20.50
N ALA B 43 13.33 -26.43 -20.06
CA ALA B 43 12.98 -26.85 -18.68
C ALA B 43 14.28 -27.25 -17.96
N THR B 44 14.49 -26.75 -16.73
CA THR B 44 15.71 -26.99 -15.94
C THR B 44 15.42 -27.93 -14.76
N ALA B 45 16.40 -28.73 -14.37
CA ALA B 45 16.37 -29.45 -13.09
C ALA B 45 17.75 -29.34 -12.48
N ARG B 46 17.87 -29.32 -11.15
CA ARG B 46 19.20 -29.42 -10.48
C ARG B 46 19.89 -30.71 -10.87
N ASP B 47 19.11 -31.79 -10.98
CA ASP B 47 19.62 -33.16 -11.23
C ASP B 47 18.77 -33.81 -12.32
N PRO B 48 18.99 -33.46 -13.60
CA PRO B 48 18.18 -34.00 -14.69
C PRO B 48 18.14 -35.54 -14.75
N ALA B 49 19.24 -36.25 -14.52
CA ALA B 49 19.28 -37.74 -14.58
C ALA B 49 18.14 -38.34 -13.75
N SER B 50 17.76 -37.73 -12.62
CA SER B 50 16.70 -38.28 -11.75
C SER B 50 15.37 -37.56 -11.97
N ALA B 51 15.22 -36.78 -13.05
CA ALA B 51 14.01 -36.00 -13.35
C ALA B 51 13.05 -36.88 -14.15
N THR B 52 12.68 -38.03 -13.57
CA THR B 52 12.03 -39.14 -14.30
C THR B 52 10.91 -38.61 -15.20
N ALA B 53 9.86 -38.00 -14.61
CA ALA B 53 8.63 -37.57 -15.31
C ALA B 53 8.94 -36.51 -16.39
N LEU B 54 9.79 -35.52 -16.07
CA LEU B 54 10.18 -34.46 -17.04
C LEU B 54 10.88 -35.14 -18.21
N ASN B 55 11.80 -36.05 -17.91
CA ASN B 55 12.61 -36.78 -18.92
C ASN B 55 11.68 -37.56 -19.85
N GLU B 56 10.74 -38.33 -19.30
CA GLU B 56 9.69 -39.02 -20.10
C GLU B 56 8.85 -37.98 -20.86
N LEU B 57 8.57 -36.79 -20.29
CA LEU B 57 7.84 -35.75 -21.05
C LEU B 57 8.67 -35.45 -22.30
N ALA B 58 9.97 -35.28 -22.09
CA ALA B 58 10.91 -34.84 -23.13
C ALA B 58 11.12 -35.94 -24.17
N LYS B 59 11.20 -37.20 -23.75
CA LYS B 59 11.32 -38.39 -24.65
C LYS B 59 10.19 -38.35 -25.67
N GLU B 60 8.95 -38.12 -25.22
CA GLU B 60 7.75 -38.12 -26.09
C GLU B 60 7.63 -36.77 -26.80
N ASN B 61 8.13 -35.69 -26.22
CA ASN B 61 7.86 -34.33 -26.74
C ASN B 61 9.18 -33.63 -27.00
N PRO B 62 9.65 -33.69 -28.27
CA PRO B 62 10.95 -33.12 -28.64
C PRO B 62 11.00 -31.58 -28.52
N GLN B 63 9.84 -30.89 -28.55
CA GLN B 63 9.64 -29.46 -28.14
C GLN B 63 10.34 -29.17 -26.79
N VAL B 64 10.39 -30.13 -25.85
CA VAL B 64 10.86 -29.90 -24.45
C VAL B 64 12.36 -30.26 -24.36
N LYS B 65 13.20 -29.30 -23.97
CA LYS B 65 14.65 -29.46 -23.77
C LYS B 65 14.96 -29.34 -22.28
N VAL B 66 15.67 -30.32 -21.71
CA VAL B 66 16.03 -30.37 -20.27
C VAL B 66 17.49 -29.99 -20.07
N VAL B 67 17.73 -29.11 -19.11
CA VAL B 67 19.07 -28.51 -18.90
C VAL B 67 19.26 -28.46 -17.39
N GLN B 68 20.49 -28.69 -16.91
CA GLN B 68 20.87 -28.61 -15.47
C GLN B 68 20.92 -27.14 -15.04
N LEU B 69 20.30 -26.82 -13.91
CA LEU B 69 20.39 -25.48 -13.26
C LEU B 69 20.24 -25.65 -11.75
N ASP B 70 21.27 -25.24 -11.03
CA ASP B 70 21.23 -25.01 -9.57
C ASP B 70 21.40 -23.50 -9.36
N ILE B 71 20.37 -22.85 -8.82
CA ILE B 71 20.32 -21.37 -8.78
C ILE B 71 21.04 -20.89 -7.52
N SER B 72 21.40 -21.81 -6.62
CA SER B 72 22.19 -21.55 -5.39
C SER B 72 23.70 -21.62 -5.72
N ASP B 73 24.02 -22.01 -6.95
CA ASP B 73 25.38 -22.27 -7.47
C ASP B 73 25.73 -21.28 -8.58
N GLU B 74 26.60 -20.31 -8.28
CA GLU B 74 27.16 -19.36 -9.26
C GLU B 74 27.76 -20.15 -10.45
N GLU B 75 28.41 -21.30 -10.19
CA GLU B 75 29.13 -22.09 -11.25
C GLU B 75 28.13 -22.70 -12.22
N SER B 76 26.94 -23.08 -11.76
CA SER B 76 25.78 -23.51 -12.58
C SER B 76 25.17 -22.29 -13.32
N ILE B 77 24.89 -21.19 -12.62
CA ILE B 77 24.38 -19.94 -13.27
C ILE B 77 25.33 -19.48 -14.38
N LYS B 78 26.65 -19.53 -14.14
CA LYS B 78 27.67 -19.13 -15.13
C LYS B 78 27.51 -19.89 -16.46
N LYS B 79 26.84 -21.05 -16.47
CA LYS B 79 26.81 -21.96 -17.66
C LYS B 79 25.46 -21.90 -18.41
N ILE B 80 24.42 -21.37 -17.78
CA ILE B 80 23.01 -21.57 -18.24
C ILE B 80 22.79 -20.89 -19.60
N ALA B 81 23.40 -19.73 -19.86
CA ALA B 81 23.18 -18.99 -21.12
C ALA B 81 23.74 -19.79 -22.32
N LYS B 82 24.98 -20.25 -22.22
CA LYS B 82 25.65 -21.08 -23.27
C LYS B 82 24.82 -22.35 -23.51
N ASN B 83 24.40 -23.00 -22.43
CA ASN B 83 23.76 -24.34 -22.51
C ASN B 83 22.36 -24.16 -23.09
N VAL B 84 21.63 -23.11 -22.71
CA VAL B 84 20.28 -22.80 -23.29
C VAL B 84 20.46 -22.47 -24.77
N SER B 85 21.58 -21.78 -25.09
CA SER B 85 21.93 -21.29 -26.44
C SER B 85 22.10 -22.47 -27.42
N GLN B 86 22.46 -23.66 -26.94
CA GLN B 86 22.60 -24.88 -27.80
C GLN B 86 21.23 -25.33 -28.32
N TYR B 87 20.16 -24.93 -27.64
CA TYR B 87 18.79 -25.38 -27.93
C TYR B 87 17.91 -24.27 -28.50
N THR B 88 18.28 -23.01 -28.32
CA THR B 88 17.46 -21.88 -28.85
C THR B 88 18.34 -20.66 -29.12
N ASP B 89 17.91 -19.78 -30.02
CA ASP B 89 18.59 -18.49 -30.27
C ASP B 89 17.92 -17.39 -29.44
N SER B 90 16.76 -17.67 -28.84
CA SER B 90 15.97 -16.66 -28.07
C SER B 90 15.03 -17.31 -27.06
N ILE B 91 14.69 -16.52 -26.06
CA ILE B 91 13.63 -16.81 -25.07
C ILE B 91 12.57 -15.70 -25.23
N ASP B 92 11.32 -16.10 -25.45
CA ASP B 92 10.14 -15.21 -25.52
C ASP B 92 9.64 -14.93 -24.11
N VAL B 93 9.46 -16.00 -23.33
CA VAL B 93 8.90 -15.95 -21.94
C VAL B 93 9.89 -16.65 -20.99
N PHE B 94 10.41 -15.87 -20.06
CA PHE B 94 11.28 -16.29 -18.95
C PHE B 94 10.44 -16.50 -17.70
N VAL B 95 10.53 -17.68 -17.11
CA VAL B 95 9.83 -17.98 -15.85
C VAL B 95 10.85 -18.52 -14.85
N SER B 96 11.20 -17.69 -13.87
CA SER B 96 11.96 -18.05 -12.66
C SER B 96 10.97 -18.68 -11.68
N ASN B 97 10.83 -20.01 -11.71
CA ASN B 97 9.88 -20.75 -10.84
C ASN B 97 10.64 -21.43 -9.70
N ALA B 98 11.83 -22.01 -9.97
CA ALA B 98 12.65 -22.70 -8.94
C ALA B 98 12.85 -21.76 -7.76
N ALA B 99 12.74 -22.31 -6.55
CA ALA B 99 12.86 -21.59 -5.26
C ALA B 99 12.86 -22.59 -4.13
N ILE B 100 13.12 -22.13 -2.91
CA ILE B 100 12.94 -22.98 -1.72
C ILE B 100 11.94 -22.33 -0.74
N ALA B 101 11.41 -23.16 0.14
CA ALA B 101 10.49 -22.72 1.20
C ALA B 101 10.72 -23.60 2.44
N LYS B 102 11.79 -23.33 3.19
CA LYS B 102 12.32 -24.24 4.25
C LYS B 102 12.33 -23.55 5.62
N SER B 103 11.87 -22.30 5.69
CA SER B 103 12.11 -21.42 6.86
C SER B 103 10.87 -20.59 7.11
N PHE B 104 10.17 -20.90 8.20
CA PHE B 104 8.90 -20.22 8.63
C PHE B 104 9.05 -19.85 10.10
N GLY B 105 8.14 -19.04 10.60
CA GLY B 105 8.05 -18.83 12.05
C GLY B 105 8.98 -17.73 12.54
N PRO B 106 9.12 -17.60 13.88
CA PRO B 106 9.54 -16.35 14.50
C PRO B 106 11.00 -16.03 14.24
N LEU B 107 11.34 -14.74 14.20
CA LEU B 107 12.71 -14.24 13.86
C LEU B 107 13.72 -14.83 14.83
N LEU B 108 13.40 -14.83 16.12
CA LEU B 108 14.29 -15.25 17.23
C LEU B 108 14.62 -16.75 17.14
N ASN B 109 13.77 -17.57 16.52
CA ASN B 109 13.97 -19.04 16.30
C ASN B 109 14.57 -19.29 14.92
N THR B 110 14.86 -18.27 14.11
CA THR B 110 15.35 -18.50 12.74
C THR B 110 16.87 -18.39 12.73
N PRO B 111 17.59 -19.51 12.53
CA PRO B 111 19.06 -19.49 12.57
C PRO B 111 19.63 -18.84 11.30
N ARG B 112 20.82 -18.27 11.44
CA ARG B 112 21.64 -17.59 10.38
C ARG B 112 21.53 -18.32 9.04
N GLU B 113 21.74 -19.63 9.00
CA GLU B 113 21.90 -20.39 7.73
C GLU B 113 20.60 -20.41 6.93
N GLN B 114 19.43 -20.33 7.58
CA GLN B 114 18.12 -20.23 6.87
C GLN B 114 18.05 -18.87 6.17
N TRP B 115 18.40 -17.77 6.83
CA TRP B 115 18.36 -16.41 6.23
C TRP B 115 19.26 -16.41 5.00
N ILE B 116 20.42 -17.05 5.12
CA ILE B 116 21.44 -17.04 4.03
C ILE B 116 20.91 -17.88 2.88
N GLU B 117 20.54 -19.13 3.16
CA GLU B 117 20.08 -20.07 2.12
C GLU B 117 18.94 -19.41 1.36
N HIS B 118 18.03 -18.73 2.01
CA HIS B 118 16.83 -18.17 1.30
C HIS B 118 17.27 -16.95 0.48
N PHE B 119 18.28 -16.22 0.93
CA PHE B 119 18.78 -15.08 0.12
C PHE B 119 19.45 -15.62 -1.15
N PHE B 120 20.40 -16.55 -0.99
CA PHE B 120 21.19 -17.09 -2.13
C PHE B 120 20.24 -17.71 -3.14
N THR B 121 19.25 -18.48 -2.68
CA THR B 121 18.46 -19.36 -3.57
C THR B 121 17.27 -18.61 -4.15
N ASN B 122 16.57 -17.80 -3.34
CA ASN B 122 15.30 -17.11 -3.74
C ASN B 122 15.55 -15.68 -4.24
N VAL B 123 16.69 -15.04 -3.96
CA VAL B 123 16.92 -13.62 -4.37
C VAL B 123 18.04 -13.60 -5.41
N LEU B 124 19.25 -13.98 -4.99
CA LEU B 124 20.45 -13.86 -5.82
C LEU B 124 20.32 -14.80 -7.01
N GLY B 125 19.76 -15.99 -6.82
CA GLY B 125 19.66 -16.97 -7.89
C GLY B 125 18.85 -16.44 -9.07
N PRO B 126 17.59 -16.01 -8.82
CA PRO B 126 16.75 -15.48 -9.90
C PRO B 126 17.32 -14.20 -10.55
N ILE B 127 17.88 -13.32 -9.75
CA ILE B 127 18.54 -12.11 -10.26
C ILE B 127 19.66 -12.56 -11.20
N ARG B 128 20.56 -13.42 -10.73
CA ARG B 128 21.71 -13.87 -11.57
C ARG B 128 21.17 -14.58 -12.81
N LEU B 129 20.25 -15.52 -12.62
CA LEU B 129 19.68 -16.31 -13.74
C LEU B 129 19.15 -15.31 -14.77
N PHE B 130 18.44 -14.27 -14.35
CA PHE B 130 17.87 -13.26 -15.28
C PHE B 130 19.01 -12.50 -16.00
N GLN B 131 20.02 -12.03 -15.25
CA GLN B 131 21.23 -11.35 -15.80
C GLN B 131 21.76 -12.18 -16.97
N GLU B 132 21.93 -13.49 -16.78
CA GLU B 132 22.60 -14.40 -17.75
C GLU B 132 21.70 -14.63 -18.96
N LEU B 133 20.38 -14.71 -18.79
CA LEU B 133 19.46 -15.05 -19.91
C LEU B 133 18.85 -13.80 -20.54
N TYR B 134 19.14 -12.60 -20.03
CA TYR B 134 18.65 -11.34 -20.60
C TYR B 134 18.97 -11.25 -22.12
N PRO B 135 20.22 -11.44 -22.58
CA PRO B 135 20.50 -11.22 -24.00
C PRO B 135 19.62 -12.14 -24.86
N LEU B 136 19.41 -13.39 -24.43
CA LEU B 136 18.51 -14.36 -25.11
C LEU B 136 17.07 -13.82 -25.11
N ILE B 137 16.68 -13.12 -24.07
CA ILE B 137 15.30 -12.57 -23.95
C ILE B 137 15.19 -11.37 -24.86
N LYS B 138 16.24 -10.51 -24.90
CA LYS B 138 16.28 -9.30 -25.78
C LYS B 138 16.06 -9.75 -27.24
N LYS B 139 16.57 -10.93 -27.59
CA LYS B 139 16.60 -11.49 -28.96
C LYS B 139 15.23 -12.09 -29.32
N GLY B 140 14.34 -12.29 -28.37
CA GLY B 140 13.02 -12.91 -28.65
C GLY B 140 11.97 -11.87 -28.94
N THR B 141 10.76 -12.31 -29.29
CA THR B 141 9.60 -11.45 -29.59
C THR B 141 8.84 -11.09 -28.30
N GLN B 142 8.34 -12.05 -27.54
CA GLN B 142 7.42 -11.76 -26.39
C GLN B 142 8.07 -10.85 -25.33
N LYS B 143 9.35 -11.05 -24.96
CA LYS B 143 10.10 -10.25 -23.94
C LYS B 143 9.31 -10.20 -22.63
N LYS B 144 8.93 -11.36 -22.14
CA LYS B 144 8.11 -11.49 -20.92
C LYS B 144 9.01 -12.12 -19.88
N VAL B 145 9.01 -11.54 -18.67
CA VAL B 145 9.90 -11.94 -17.56
C VAL B 145 9.01 -12.14 -16.35
N PHE B 146 8.75 -13.40 -15.96
CA PHE B 146 7.97 -13.70 -14.76
C PHE B 146 8.88 -14.25 -13.67
N PHE B 147 8.71 -13.69 -12.48
CA PHE B 147 9.28 -14.22 -11.23
C PHE B 147 8.13 -14.81 -10.41
N ILE B 148 8.18 -16.13 -10.16
CA ILE B 148 7.15 -16.75 -9.32
C ILE B 148 7.52 -16.39 -7.88
N SER B 149 6.65 -15.59 -7.29
CA SER B 149 6.80 -14.98 -5.96
C SER B 149 5.78 -15.66 -5.07
N SER B 150 5.33 -14.99 -4.02
CA SER B 150 4.27 -15.46 -3.11
C SER B 150 3.46 -14.25 -2.66
N ASN B 151 2.18 -14.42 -2.37
CA ASN B 151 1.39 -13.39 -1.64
C ASN B 151 2.07 -13.12 -0.29
N ALA B 152 2.86 -14.07 0.22
CA ALA B 152 3.60 -13.96 1.51
C ALA B 152 4.72 -12.93 1.42
N GLY B 153 5.15 -12.52 0.23
CA GLY B 153 6.22 -11.53 0.04
C GLY B 153 5.70 -10.12 0.08
N SER B 154 4.37 -9.96 0.15
CA SER B 154 3.72 -8.64 0.21
C SER B 154 4.09 -7.98 1.53
N LEU B 155 4.46 -6.72 1.45
CA LEU B 155 4.68 -5.87 2.63
C LEU B 155 3.32 -5.41 3.20
N ASN B 156 2.18 -5.67 2.55
CA ASN B 156 0.89 -5.04 2.88
C ASN B 156 -0.25 -6.06 3.00
N LEU B 157 0.07 -7.35 3.11
CA LEU B 157 -0.90 -8.43 3.41
C LEU B 157 -0.54 -9.00 4.78
N ASP B 158 -1.54 -9.23 5.63
CA ASP B 158 -1.35 -9.90 6.94
C ASP B 158 -2.21 -11.16 6.93
N PHE B 159 -1.56 -12.34 6.88
CA PHE B 159 -2.19 -13.67 7.00
C PHE B 159 -2.05 -14.23 8.43
N GLY B 160 -1.54 -13.42 9.37
CA GLY B 160 -1.38 -13.83 10.78
C GLY B 160 -0.41 -15.00 10.93
N LEU B 161 0.37 -15.29 9.88
CA LEU B 161 1.45 -16.31 9.91
C LEU B 161 2.80 -15.59 9.86
N ASP B 162 3.83 -16.24 10.37
CA ASP B 162 5.25 -15.83 10.22
C ASP B 162 5.83 -16.61 9.04
N PHE B 163 6.45 -15.92 8.09
CA PHE B 163 7.07 -16.51 6.87
C PHE B 163 8.61 -16.34 6.88
N SER B 164 9.14 -15.67 7.89
CA SER B 164 10.57 -15.70 8.21
C SER B 164 11.38 -15.39 6.94
N ALA B 165 12.45 -16.15 6.70
CA ALA B 165 13.38 -16.00 5.56
C ALA B 165 12.64 -16.20 4.25
N TYR B 166 11.69 -17.16 4.17
CA TYR B 166 10.90 -17.40 2.93
C TYR B 166 10.22 -16.11 2.50
N GLY B 167 9.53 -15.44 3.42
CA GLY B 167 8.79 -14.21 3.12
C GLY B 167 9.72 -13.04 2.83
N GLN B 168 10.75 -12.86 3.66
CA GLN B 168 11.78 -11.80 3.47
C GLN B 168 12.34 -11.93 2.04
N SER B 169 12.59 -13.17 1.59
CA SER B 169 13.25 -13.50 0.31
C SER B 169 12.32 -13.15 -0.84
N LYS B 170 11.03 -13.46 -0.70
CA LYS B 170 10.02 -13.13 -1.74
C LYS B 170 9.82 -11.60 -1.76
N ALA B 171 9.85 -10.94 -0.59
CA ALA B 171 9.78 -9.46 -0.46
C ALA B 171 10.96 -8.85 -1.19
N ALA B 172 12.18 -9.30 -0.88
CA ALA B 172 13.45 -8.88 -1.53
C ALA B 172 13.32 -9.01 -3.05
N LEU B 173 12.99 -10.21 -3.54
CA LEU B 173 12.90 -10.43 -5.00
C LEU B 173 11.80 -9.51 -5.56
N ASN B 174 10.67 -9.38 -4.86
CA ASN B 174 9.59 -8.44 -5.28
C ASN B 174 10.17 -7.03 -5.48
N TYR B 175 10.88 -6.49 -4.49
CA TYR B 175 11.44 -5.11 -4.55
C TYR B 175 12.27 -4.97 -5.82
N SER B 176 13.13 -5.94 -6.11
CA SER B 176 14.04 -5.88 -7.29
C SER B 176 13.25 -6.10 -8.59
N THR B 177 12.17 -6.89 -8.59
CA THR B 177 11.30 -7.16 -9.78
C THR B 177 10.63 -5.86 -10.22
N LYS B 178 10.15 -5.09 -9.24
CA LYS B 178 9.48 -3.79 -9.46
C LYS B 178 10.47 -2.83 -10.13
N GLU B 179 11.69 -2.72 -9.60
CA GLU B 179 12.76 -1.86 -10.18
C GLU B 179 13.07 -2.34 -11.59
N LEU B 180 13.24 -3.64 -11.79
CA LEU B 180 13.57 -4.17 -13.13
C LEU B 180 12.47 -3.82 -14.14
N ALA B 181 11.19 -3.89 -13.75
CA ALA B 181 10.03 -3.60 -14.63
C ALA B 181 10.19 -2.17 -15.18
N ARG B 182 10.62 -1.22 -14.34
CA ARG B 182 10.93 0.19 -14.72
C ARG B 182 12.11 0.23 -15.69
N GLN B 183 13.26 -0.33 -15.27
CA GLN B 183 14.51 -0.30 -16.07
C GLN B 183 14.24 -0.84 -17.49
N LEU B 184 13.32 -1.80 -17.68
CA LEU B 184 13.23 -2.55 -18.97
C LEU B 184 11.99 -2.14 -19.76
N LYS B 185 11.21 -1.18 -19.27
CA LYS B 185 10.03 -0.64 -19.98
C LYS B 185 10.46 0.04 -21.28
N PRO B 186 11.58 0.79 -21.31
CA PRO B 186 12.03 1.40 -22.57
C PRO B 186 12.29 0.33 -23.63
N GLU B 187 12.52 -0.94 -23.22
CA GLU B 187 12.86 -2.07 -24.13
C GLU B 187 11.64 -2.95 -24.42
N ASN B 188 10.44 -2.51 -24.06
CA ASN B 188 9.15 -3.20 -24.34
C ASN B 188 9.12 -4.54 -23.59
N PHE B 189 9.91 -4.69 -22.52
CA PHE B 189 9.87 -5.89 -21.65
C PHE B 189 8.62 -5.81 -20.78
N ILE B 190 7.96 -6.95 -20.63
CA ILE B 190 6.93 -7.20 -19.59
C ILE B 190 7.57 -7.98 -18.45
N VAL B 191 7.65 -7.38 -17.26
CA VAL B 191 8.14 -7.98 -16.00
C VAL B 191 7.00 -8.06 -14.96
N ALA B 192 6.78 -9.23 -14.37
CA ALA B 192 5.76 -9.47 -13.34
C ALA B 192 6.33 -10.39 -12.26
N ALA B 193 5.89 -10.13 -11.02
CA ALA B 193 5.94 -11.07 -9.88
C ALA B 193 4.60 -11.78 -9.87
N VAL B 194 4.57 -13.11 -9.81
CA VAL B 194 3.29 -13.87 -9.80
C VAL B 194 3.28 -14.87 -8.64
N HIS B 195 2.28 -14.69 -7.77
CA HIS B 195 1.84 -15.67 -6.77
C HIS B 195 1.10 -16.81 -7.47
N PRO B 196 1.59 -18.07 -7.41
CA PRO B 196 0.99 -19.18 -8.14
C PRO B 196 -0.22 -19.86 -7.48
N GLY B 197 -0.73 -19.28 -6.40
CA GLY B 197 -1.72 -19.91 -5.53
C GLY B 197 -1.01 -20.72 -4.48
N VAL B 198 -1.73 -21.24 -3.49
CA VAL B 198 -1.18 -22.14 -2.46
C VAL B 198 -1.45 -23.59 -2.90
N VAL B 199 -0.38 -24.37 -3.02
CA VAL B 199 -0.34 -25.72 -3.65
C VAL B 199 0.31 -26.71 -2.67
N LYS B 228 -6.67 -23.23 -1.74
CA LYS B 228 -5.68 -24.27 -2.10
C LYS B 228 -6.05 -24.91 -3.45
N ILE B 229 -5.08 -25.00 -4.38
CA ILE B 229 -5.28 -25.53 -5.77
C ILE B 229 -4.22 -26.60 -6.04
N THR B 230 -4.44 -27.39 -7.09
CA THR B 230 -3.44 -28.38 -7.55
C THR B 230 -2.35 -27.69 -8.37
N PRO B 231 -1.16 -28.30 -8.48
CA PRO B 231 -0.12 -27.76 -9.35
C PRO B 231 -0.58 -27.63 -10.82
N GLU B 232 -1.39 -28.56 -11.33
CA GLU B 232 -1.90 -28.52 -12.73
C GLU B 232 -2.87 -27.34 -12.87
N GLU B 233 -3.66 -27.05 -11.85
CA GLU B 233 -4.58 -25.89 -11.87
C GLU B 233 -3.74 -24.59 -11.85
N SER B 234 -2.73 -24.53 -10.97
CA SER B 234 -1.77 -23.41 -10.93
C SER B 234 -1.18 -23.24 -12.34
N ALA B 235 -0.73 -24.33 -12.95
CA ALA B 235 -0.04 -24.31 -14.25
C ALA B 235 -0.97 -23.75 -15.35
N ALA B 236 -2.16 -24.34 -15.51
CA ALA B 236 -3.21 -23.89 -16.47
C ALA B 236 -3.40 -22.37 -16.31
N ALA B 237 -3.61 -21.90 -15.09
CA ALA B 237 -3.92 -20.48 -14.82
C ALA B 237 -2.67 -19.61 -15.12
N LEU B 238 -1.47 -20.08 -14.76
CA LEU B 238 -0.21 -19.31 -14.99
C LEU B 238 0.02 -19.17 -16.51
N CYS B 239 -0.21 -20.22 -17.27
CA CYS B 239 0.11 -20.23 -18.72
C CYS B 239 -0.82 -19.25 -19.44
N LYS B 240 -2.09 -19.15 -19.00
CA LYS B 240 -3.08 -18.14 -19.49
C LYS B 240 -2.51 -16.73 -19.28
N LEU B 241 -2.03 -16.46 -18.07
CA LEU B 241 -1.46 -15.16 -17.62
C LEU B 241 -0.17 -14.83 -18.39
N PHE B 242 0.69 -15.82 -18.62
CA PHE B 242 1.94 -15.60 -19.35
C PHE B 242 1.57 -15.00 -20.71
N GLU B 243 0.62 -15.58 -21.45
CA GLU B 243 0.50 -15.18 -22.88
C GLU B 243 -0.48 -13.99 -23.01
N SER B 244 -1.25 -13.68 -21.97
CA SER B 244 -2.25 -12.58 -22.04
C SER B 244 -1.65 -11.27 -21.50
N LEU B 245 -0.80 -11.32 -20.46
CA LEU B 245 -0.27 -10.12 -19.80
C LEU B 245 0.42 -9.23 -20.84
N ASN B 246 -0.03 -7.99 -20.95
CA ASN B 246 0.47 -7.01 -21.95
C ASN B 246 0.86 -5.72 -21.23
N THR B 247 1.03 -5.70 -19.88
CA THR B 247 1.62 -4.52 -19.17
C THR B 247 2.65 -5.01 -18.14
N THR B 248 3.65 -4.18 -17.89
CA THR B 248 4.80 -4.48 -17.01
C THR B 248 4.58 -3.89 -15.61
N GLY B 249 5.32 -4.37 -14.61
CA GLY B 249 5.31 -3.76 -13.27
C GLY B 249 4.22 -4.31 -12.39
N LYS B 250 3.51 -5.36 -12.82
CA LYS B 250 2.39 -5.94 -12.01
C LYS B 250 2.93 -6.96 -10.99
N TYR B 251 2.28 -6.97 -9.82
CA TYR B 251 2.34 -8.04 -8.81
C TYR B 251 0.98 -8.74 -8.92
N LEU B 252 0.94 -9.95 -9.46
CA LEU B 252 -0.33 -10.66 -9.79
C LEU B 252 -0.42 -11.95 -8.99
N SER B 253 -1.66 -12.37 -8.78
CA SER B 253 -2.10 -13.70 -8.33
C SER B 253 -2.36 -14.50 -9.59
N TYR B 254 -2.31 -15.83 -9.50
CA TYR B 254 -2.46 -16.81 -10.62
C TYR B 254 -3.71 -16.51 -11.47
N ASP B 255 -4.77 -15.98 -10.87
CA ASP B 255 -6.05 -15.67 -11.57
C ASP B 255 -6.01 -14.27 -12.21
N GLY B 256 -4.85 -13.60 -12.27
CA GLY B 256 -4.73 -12.29 -12.96
C GLY B 256 -5.19 -11.07 -12.15
N THR B 257 -5.80 -11.23 -10.97
CA THR B 257 -6.05 -10.09 -10.06
C THR B 257 -4.71 -9.61 -9.47
N GLU B 258 -4.62 -8.35 -9.07
CA GLU B 258 -3.38 -7.72 -8.57
C GLU B 258 -3.23 -7.98 -7.07
N LEU B 259 -1.98 -8.05 -6.61
CA LEU B 259 -1.65 -8.06 -5.17
C LEU B 259 -0.92 -6.75 -4.85
N PRO B 260 -1.07 -6.20 -3.64
CA PRO B 260 -0.26 -5.05 -3.25
C PRO B 260 1.17 -5.50 -2.90
N TRP B 261 2.17 -4.70 -3.22
CA TRP B 261 3.61 -4.96 -2.93
C TRP B 261 3.82 -4.94 -1.41
N GLU C 13 19.47 5.89 34.32
CA GLU C 13 18.74 4.62 34.59
C GLU C 13 18.23 4.00 33.28
N GLN C 14 18.11 4.78 32.19
CA GLN C 14 17.78 4.30 30.81
C GLN C 14 19.09 3.95 30.07
N THR C 15 19.20 2.71 29.57
CA THR C 15 20.34 2.21 28.75
C THR C 15 19.98 2.10 27.27
N TYR C 16 20.63 2.93 26.44
CA TYR C 16 20.52 2.95 24.96
C TYR C 16 21.70 2.22 24.32
N PHE C 17 21.37 1.41 23.31
CA PHE C 17 22.33 0.75 22.38
C PHE C 17 22.10 1.32 20.97
N ILE C 18 23.18 1.87 20.40
CA ILE C 18 23.32 2.31 18.99
C ILE C 18 24.53 1.58 18.41
N SER C 19 24.36 0.92 17.26
CA SER C 19 25.45 0.44 16.38
C SER C 19 25.90 1.58 15.48
N GLY C 20 27.18 1.64 15.12
CA GLY C 20 27.69 2.56 14.08
C GLY C 20 27.68 3.99 14.59
N ALA C 21 28.31 4.22 15.75
CA ALA C 21 28.26 5.47 16.54
C ALA C 21 29.52 6.31 16.36
N ASN C 22 30.46 5.90 15.51
CA ASN C 22 31.79 6.53 15.36
C ASN C 22 31.70 7.74 14.43
N ARG C 23 30.59 7.89 13.66
CA ARG C 23 30.39 9.01 12.71
C ARG C 23 28.96 8.99 12.19
N GLY C 24 28.61 9.97 11.36
CA GLY C 24 27.29 10.10 10.78
C GLY C 24 26.21 10.28 11.83
N ILE C 25 24.99 9.89 11.49
CA ILE C 25 23.77 10.02 12.33
C ILE C 25 24.03 9.33 13.67
N GLY C 26 24.74 8.21 13.69
CA GLY C 26 24.95 7.41 14.92
C GLY C 26 25.76 8.18 15.95
N PHE C 27 26.84 8.82 15.52
CA PHE C 27 27.69 9.68 16.38
C PHE C 27 26.80 10.79 16.95
N SER C 28 25.96 11.39 16.10
CA SER C 28 25.04 12.52 16.43
C SER C 28 23.94 12.09 17.40
N VAL C 29 23.44 10.85 17.31
CA VAL C 29 22.49 10.29 18.32
C VAL C 29 23.20 10.16 19.66
N VAL C 30 24.35 9.48 19.69
CA VAL C 30 25.15 9.24 20.93
C VAL C 30 25.43 10.59 21.63
N GLN C 31 25.94 11.57 20.89
CA GLN C 31 26.23 12.96 21.36
C GLN C 31 24.97 13.66 21.92
N ARG C 32 23.79 13.39 21.36
CA ARG C 32 22.50 13.97 21.79
C ARG C 32 22.04 13.27 23.08
N LEU C 33 22.18 11.94 23.13
CA LEU C 33 21.78 11.12 24.30
C LEU C 33 22.61 11.52 25.53
N ALA C 34 23.91 11.75 25.36
CA ALA C 34 24.86 12.06 26.44
C ALA C 34 24.57 13.45 27.06
N ALA C 35 23.66 14.23 26.46
CA ALA C 35 23.13 15.50 26.99
C ALA C 35 21.80 15.25 27.73
N LYS C 36 21.46 14.00 28.04
CA LYS C 36 20.23 13.65 28.79
C LYS C 36 20.68 13.06 30.14
N SER C 37 20.13 13.58 31.23
CA SER C 37 20.32 13.07 32.61
C SER C 37 19.96 11.57 32.65
N GLY C 38 20.84 10.75 33.25
CA GLY C 38 20.57 9.34 33.63
C GLY C 38 20.30 8.44 32.44
N VAL C 39 20.99 8.65 31.31
CA VAL C 39 21.07 7.64 30.22
C VAL C 39 22.54 7.25 30.03
N LYS C 40 22.83 5.96 30.10
CA LYS C 40 24.08 5.37 29.56
C LYS C 40 23.83 4.84 28.12
N VAL C 41 24.76 5.14 27.23
CA VAL C 41 24.76 4.72 25.80
C VAL C 41 25.87 3.67 25.58
N ILE C 42 25.48 2.43 25.30
CA ILE C 42 26.39 1.44 24.66
C ILE C 42 26.45 1.83 23.18
N ALA C 43 27.63 2.23 22.70
CA ALA C 43 27.87 2.76 21.35
C ALA C 43 28.97 1.91 20.68
N THR C 44 28.69 1.33 19.51
CA THR C 44 29.65 0.41 18.86
C THR C 44 30.38 1.10 17.73
N ALA C 45 31.53 0.56 17.38
CA ALA C 45 32.25 0.92 16.14
C ALA C 45 33.08 -0.30 15.72
N ARG C 46 33.25 -0.50 14.42
CA ARG C 46 34.09 -1.59 13.87
C ARG C 46 35.50 -1.46 14.43
N ASP C 47 35.98 -0.21 14.52
CA ASP C 47 37.39 0.09 14.88
C ASP C 47 37.41 1.15 15.98
N PRO C 48 37.11 0.76 17.24
CA PRO C 48 37.15 1.71 18.37
C PRO C 48 38.49 2.48 18.47
N ALA C 49 39.64 1.80 18.36
CA ALA C 49 40.98 2.44 18.24
C ALA C 49 40.88 3.72 17.40
N SER C 50 40.29 3.63 16.21
CA SER C 50 40.26 4.74 15.20
C SER C 50 39.16 5.76 15.52
N ALA C 51 38.22 5.46 16.42
CA ALA C 51 36.98 6.27 16.59
C ALA C 51 37.28 7.57 17.34
N THR C 52 38.21 8.38 16.80
CA THR C 52 38.73 9.64 17.39
C THR C 52 37.58 10.43 18.05
N ALA C 53 36.56 10.86 17.30
CA ALA C 53 35.46 11.74 17.78
C ALA C 53 34.70 11.06 18.92
N LEU C 54 34.30 9.80 18.72
CA LEU C 54 33.39 9.05 19.64
C LEU C 54 34.13 8.73 20.94
N ASN C 55 35.43 8.42 20.86
CA ASN C 55 36.31 8.15 22.02
C ASN C 55 36.47 9.44 22.86
N GLU C 56 36.50 10.63 22.24
CA GLU C 56 36.59 11.93 22.95
C GLU C 56 35.27 12.23 23.70
N LEU C 57 34.15 12.27 22.98
CA LEU C 57 32.76 12.29 23.53
C LEU C 57 32.67 11.43 24.79
N ALA C 58 33.28 10.25 24.78
CA ALA C 58 33.14 9.16 25.78
C ALA C 58 34.07 9.38 26.97
N LYS C 59 35.23 10.01 26.78
CA LYS C 59 36.11 10.43 27.90
C LYS C 59 35.39 11.60 28.56
N GLU C 60 34.85 12.48 27.73
CA GLU C 60 34.11 13.72 28.09
C GLU C 60 32.76 13.36 28.73
N ASN C 61 32.18 12.20 28.38
CA ASN C 61 30.87 11.73 28.92
C ASN C 61 30.95 10.21 29.13
N PRO C 62 31.55 9.73 30.25
CA PRO C 62 31.82 8.30 30.41
C PRO C 62 30.58 7.44 30.75
N GLN C 63 29.37 7.99 30.63
CA GLN C 63 28.11 7.20 30.58
C GLN C 63 28.08 6.51 29.21
N VAL C 64 28.80 7.09 28.26
CA VAL C 64 28.98 6.57 26.87
C VAL C 64 30.08 5.51 26.93
N LYS C 65 29.73 4.28 26.55
CA LYS C 65 30.62 3.10 26.60
C LYS C 65 30.91 2.69 25.14
N VAL C 66 32.17 2.70 24.70
CA VAL C 66 32.49 2.32 23.29
C VAL C 66 32.89 0.84 23.31
N VAL C 67 32.41 0.13 22.31
CA VAL C 67 32.38 -1.36 22.18
C VAL C 67 32.62 -1.69 20.70
N GLN C 68 33.26 -2.82 20.41
CA GLN C 68 33.57 -3.27 19.03
C GLN C 68 32.34 -3.99 18.45
N LEU C 69 31.96 -3.65 17.20
CA LEU C 69 30.97 -4.42 16.40
C LEU C 69 31.16 -4.15 14.90
N ASP C 70 31.30 -5.24 14.14
CA ASP C 70 31.26 -5.28 12.65
C ASP C 70 30.03 -6.12 12.30
N ILE C 71 28.89 -5.53 11.96
CA ILE C 71 27.62 -6.32 11.82
C ILE C 71 27.73 -7.26 10.61
N SER C 72 28.78 -7.13 9.79
CA SER C 72 29.04 -8.01 8.62
C SER C 72 29.82 -9.25 9.07
N ASP C 73 30.30 -9.23 10.32
CA ASP C 73 31.24 -10.25 10.86
C ASP C 73 30.53 -11.06 11.95
N GLU C 74 30.12 -12.28 11.60
CA GLU C 74 29.34 -13.18 12.49
C GLU C 74 30.09 -13.41 13.81
N GLU C 75 31.42 -13.45 13.79
CA GLU C 75 32.27 -13.66 14.98
C GLU C 75 32.22 -12.40 15.86
N SER C 76 32.12 -11.21 15.23
CA SER C 76 31.90 -9.92 15.92
C SER C 76 30.56 -9.92 16.65
N ILE C 77 29.47 -10.27 15.96
CA ILE C 77 28.07 -10.36 16.52
C ILE C 77 28.04 -11.43 17.62
N LYS C 78 28.75 -12.54 17.44
CA LYS C 78 28.78 -13.65 18.42
C LYS C 78 29.36 -13.17 19.76
N LYS C 79 29.99 -11.99 19.82
CA LYS C 79 30.65 -11.43 21.03
C LYS C 79 29.88 -10.25 21.63
N ILE C 80 28.96 -9.61 20.89
CA ILE C 80 28.33 -8.31 21.26
C ILE C 80 27.56 -8.43 22.59
N ALA C 81 26.89 -9.55 22.85
CA ALA C 81 26.10 -9.70 24.09
C ALA C 81 27.06 -9.59 25.28
N LYS C 82 28.10 -10.43 25.29
CA LYS C 82 29.14 -10.47 26.37
C LYS C 82 29.79 -9.09 26.50
N ASN C 83 30.06 -8.37 25.39
CA ASN C 83 30.73 -7.03 25.40
C ASN C 83 29.81 -5.93 25.96
N VAL C 84 28.48 -6.02 25.75
CA VAL C 84 27.47 -5.08 26.33
C VAL C 84 27.22 -5.44 27.80
N SER C 85 27.15 -6.75 28.13
CA SER C 85 26.95 -7.32 29.49
C SER C 85 27.94 -6.69 30.48
N GLN C 86 29.13 -6.30 30.03
CA GLN C 86 30.17 -5.63 30.85
C GLN C 86 29.63 -4.34 31.45
N TYR C 87 28.85 -3.58 30.70
CA TYR C 87 28.50 -2.18 31.06
C TYR C 87 27.07 -2.12 31.57
N THR C 88 26.27 -3.17 31.38
CA THR C 88 24.81 -3.09 31.61
C THR C 88 24.18 -4.49 31.78
N ASP C 89 23.10 -4.54 32.56
CA ASP C 89 22.29 -5.77 32.82
C ASP C 89 21.11 -5.80 31.87
N SER C 90 20.75 -4.64 31.32
CA SER C 90 19.62 -4.52 30.38
C SER C 90 19.90 -3.44 29.33
N ILE C 91 19.03 -3.41 28.32
CA ILE C 91 18.98 -2.35 27.28
C ILE C 91 17.52 -1.92 27.16
N ASP C 92 17.30 -0.61 27.17
CA ASP C 92 15.93 -0.04 27.18
C ASP C 92 15.51 0.21 25.74
N VAL C 93 16.40 0.87 24.98
CA VAL C 93 16.25 1.24 23.55
C VAL C 93 17.41 0.62 22.78
N PHE C 94 17.11 -0.30 21.85
CA PHE C 94 18.07 -0.85 20.83
C PHE C 94 17.88 -0.04 19.56
N VAL C 95 18.97 0.38 18.93
CA VAL C 95 18.95 1.13 17.64
C VAL C 95 19.98 0.46 16.73
N SER C 96 19.52 -0.29 15.74
CA SER C 96 20.37 -0.82 14.65
C SER C 96 20.56 0.31 13.61
N ASN C 97 21.74 0.93 13.62
CA ASN C 97 22.07 2.12 12.78
C ASN C 97 23.13 1.77 11.74
N ALA C 98 24.23 1.15 12.16
CA ALA C 98 25.30 0.70 11.26
C ALA C 98 24.62 0.03 10.07
N ALA C 99 24.89 0.54 8.87
CA ALA C 99 24.43 -0.03 7.60
C ALA C 99 25.41 0.42 6.53
N ILE C 100 25.24 -0.12 5.31
CA ILE C 100 26.01 0.35 4.14
C ILE C 100 25.02 0.78 3.07
N ALA C 101 25.48 1.58 2.12
CA ALA C 101 24.67 2.10 1.01
C ALA C 101 25.64 2.39 -0.12
N LYS C 102 25.98 1.35 -0.87
CA LYS C 102 27.11 1.32 -1.81
C LYS C 102 26.65 0.98 -3.23
N SER C 103 25.45 0.41 -3.38
CA SER C 103 24.94 -0.13 -4.66
C SER C 103 23.60 0.54 -5.02
N PHE C 104 23.55 1.18 -6.19
CA PHE C 104 22.35 1.85 -6.75
C PHE C 104 22.17 1.46 -8.23
N GLY C 105 21.09 1.94 -8.83
CA GLY C 105 20.86 1.77 -10.29
C GLY C 105 20.53 0.34 -10.73
N PRO C 106 20.64 0.05 -12.03
CA PRO C 106 19.98 -1.11 -12.61
C PRO C 106 20.44 -2.46 -12.09
N LEU C 107 19.48 -3.39 -12.07
CA LEU C 107 19.70 -4.80 -11.71
C LEU C 107 20.73 -5.45 -12.62
N LEU C 108 20.64 -5.25 -13.93
CA LEU C 108 21.55 -5.87 -14.94
C LEU C 108 23.00 -5.48 -14.66
N ASN C 109 23.20 -4.33 -14.01
CA ASN C 109 24.51 -3.67 -13.80
C ASN C 109 24.89 -3.82 -12.30
N THR C 110 24.10 -4.56 -11.51
CA THR C 110 24.44 -4.80 -10.08
C THR C 110 25.06 -6.19 -10.00
N PRO C 111 26.38 -6.33 -9.71
CA PRO C 111 26.99 -7.65 -9.66
C PRO C 111 26.66 -8.34 -8.33
N ARG C 112 26.87 -9.63 -8.35
CA ARG C 112 26.62 -10.62 -7.28
C ARG C 112 27.14 -10.10 -5.92
N GLU C 113 28.39 -9.62 -5.90
CA GLU C 113 29.10 -9.20 -4.66
C GLU C 113 28.28 -8.11 -3.98
N GLN C 114 27.58 -7.29 -4.76
CA GLN C 114 26.88 -6.13 -4.16
C GLN C 114 25.59 -6.62 -3.53
N TRP C 115 24.89 -7.55 -4.19
CA TRP C 115 23.67 -8.13 -3.58
C TRP C 115 24.06 -8.82 -2.25
N ILE C 116 25.11 -9.63 -2.29
CA ILE C 116 25.61 -10.43 -1.14
C ILE C 116 25.91 -9.48 0.01
N GLU C 117 26.69 -8.42 -0.25
CA GLU C 117 27.20 -7.51 0.79
C GLU C 117 26.05 -6.74 1.47
N HIS C 118 25.13 -6.15 0.72
CA HIS C 118 24.00 -5.43 1.37
C HIS C 118 23.16 -6.45 2.15
N PHE C 119 23.05 -7.69 1.69
CA PHE C 119 22.24 -8.70 2.42
C PHE C 119 22.89 -8.99 3.78
N PHE C 120 24.15 -9.39 3.81
CA PHE C 120 24.86 -9.80 5.06
C PHE C 120 24.90 -8.63 6.02
N THR C 121 25.23 -7.46 5.51
CA THR C 121 25.53 -6.27 6.31
C THR C 121 24.23 -5.62 6.77
N ASN C 122 23.24 -5.50 5.90
CA ASN C 122 22.05 -4.64 6.10
C ASN C 122 20.84 -5.46 6.53
N VAL C 123 20.87 -6.77 6.33
CA VAL C 123 19.69 -7.62 6.66
C VAL C 123 20.06 -8.63 7.74
N LEU C 124 21.01 -9.52 7.44
CA LEU C 124 21.43 -10.60 8.37
C LEU C 124 22.11 -9.94 9.58
N GLY C 125 23.00 -8.96 9.34
CA GLY C 125 23.70 -8.26 10.43
C GLY C 125 22.72 -7.90 11.54
N PRO C 126 21.78 -6.96 11.26
CA PRO C 126 20.84 -6.49 12.26
C PRO C 126 19.97 -7.61 12.87
N ILE C 127 19.64 -8.62 12.09
CA ILE C 127 18.73 -9.69 12.57
C ILE C 127 19.51 -10.47 13.63
N ARG C 128 20.75 -10.80 13.33
CA ARG C 128 21.66 -11.50 14.23
C ARG C 128 21.99 -10.59 15.41
N LEU C 129 22.23 -9.30 15.15
CA LEU C 129 22.57 -8.34 16.23
C LEU C 129 21.42 -8.39 17.25
N PHE C 130 20.18 -8.20 16.79
CA PHE C 130 18.96 -8.20 17.64
C PHE C 130 18.80 -9.56 18.31
N GLN C 131 19.02 -10.67 17.60
CA GLN C 131 18.95 -12.04 18.21
C GLN C 131 19.90 -12.06 19.42
N GLU C 132 21.09 -11.49 19.26
CA GLU C 132 22.19 -11.57 20.26
C GLU C 132 21.87 -10.73 21.49
N LEU C 133 21.14 -9.63 21.34
CA LEU C 133 20.91 -8.59 22.37
C LEU C 133 19.48 -8.64 22.91
N TYR C 134 18.65 -9.55 22.40
CA TYR C 134 17.22 -9.68 22.78
C TYR C 134 17.08 -9.92 24.28
N PRO C 135 17.86 -10.85 24.88
CA PRO C 135 17.78 -11.12 26.32
C PRO C 135 18.10 -9.90 27.20
N LEU C 136 19.08 -9.11 26.77
CA LEU C 136 19.43 -7.84 27.45
C LEU C 136 18.30 -6.82 27.30
N ILE C 137 17.54 -6.88 26.19
CA ILE C 137 16.41 -5.96 25.91
C ILE C 137 15.22 -6.41 26.75
N LYS C 138 15.03 -7.71 26.84
CA LYS C 138 13.95 -8.37 27.61
C LYS C 138 14.00 -7.89 29.07
N LYS C 139 15.20 -7.72 29.62
CA LYS C 139 15.44 -7.30 31.03
C LYS C 139 15.27 -5.79 31.24
N GLY C 140 15.12 -4.99 30.18
CA GLY C 140 14.94 -3.54 30.32
C GLY C 140 13.47 -3.18 30.50
N THR C 141 13.21 -1.91 30.78
CA THR C 141 11.85 -1.37 31.02
C THR C 141 11.18 -1.03 29.67
N GLN C 142 11.82 -0.18 28.88
CA GLN C 142 11.25 0.47 27.68
C GLN C 142 10.91 -0.57 26.59
N LYS C 143 11.75 -1.61 26.41
CA LYS C 143 11.59 -2.68 25.38
C LYS C 143 11.35 -2.01 24.01
N LYS C 144 12.25 -1.11 23.61
CA LYS C 144 12.16 -0.34 22.35
C LYS C 144 13.25 -0.80 21.39
N VAL C 145 12.79 -1.18 20.21
CA VAL C 145 13.59 -1.77 19.11
C VAL C 145 13.37 -0.93 17.86
N PHE C 146 14.44 -0.28 17.40
CA PHE C 146 14.47 0.63 16.24
C PHE C 146 15.55 0.15 15.28
N PHE C 147 15.12 -0.16 14.06
CA PHE C 147 16.00 -0.43 12.90
C PHE C 147 15.98 0.82 12.04
N ILE C 148 17.12 1.50 11.97
CA ILE C 148 17.28 2.59 10.98
C ILE C 148 17.15 1.94 9.60
N SER C 149 16.08 2.27 8.91
CA SER C 149 15.72 1.78 7.57
C SER C 149 15.93 2.94 6.62
N SER C 150 15.22 2.94 5.49
CA SER C 150 15.20 4.05 4.52
C SER C 150 13.81 4.13 3.92
N ASN C 151 13.37 5.34 3.58
CA ASN C 151 12.15 5.52 2.75
C ASN C 151 12.36 4.79 1.41
N ALA C 152 13.61 4.60 0.97
CA ALA C 152 14.02 3.84 -0.25
C ALA C 152 13.61 2.36 -0.19
N GLY C 153 13.36 1.84 1.02
CA GLY C 153 13.05 0.42 1.28
C GLY C 153 11.57 0.13 1.12
N SER C 154 10.72 1.16 1.06
CA SER C 154 9.25 0.98 0.86
C SER C 154 9.02 0.24 -0.45
N LEU C 155 7.99 -0.60 -0.51
CA LEU C 155 7.55 -1.13 -1.82
C LEU C 155 6.49 -0.24 -2.46
N ASN C 156 6.20 0.93 -1.88
CA ASN C 156 5.02 1.74 -2.29
C ASN C 156 5.37 3.20 -2.47
N LEU C 157 6.64 3.55 -2.63
CA LEU C 157 7.10 4.94 -2.85
C LEU C 157 7.96 4.93 -4.11
N ASP C 158 7.83 5.96 -4.94
CA ASP C 158 8.57 6.07 -6.21
C ASP C 158 9.36 7.39 -6.18
N PHE C 159 10.69 7.31 -6.10
CA PHE C 159 11.58 8.48 -5.93
C PHE C 159 12.13 8.89 -7.28
N GLY C 160 11.78 8.16 -8.34
CA GLY C 160 12.35 8.32 -9.69
C GLY C 160 13.79 7.86 -9.73
N LEU C 161 14.15 6.97 -8.80
CA LEU C 161 15.50 6.38 -8.70
C LEU C 161 15.35 4.87 -8.46
N ASP C 162 16.36 4.11 -8.86
CA ASP C 162 16.56 2.70 -8.41
C ASP C 162 17.64 2.65 -7.33
N PHE C 163 17.46 1.70 -6.41
CA PHE C 163 18.23 1.52 -5.18
C PHE C 163 18.91 0.14 -5.15
N SER C 164 18.71 -0.66 -6.17
CA SER C 164 19.56 -1.87 -6.35
C SER C 164 19.54 -2.68 -5.04
N ALA C 165 20.73 -3.12 -4.59
CA ALA C 165 20.96 -3.99 -3.43
C ALA C 165 20.64 -3.22 -2.15
N TYR C 166 20.86 -1.91 -2.19
CA TYR C 166 20.61 -1.03 -1.02
C TYR C 166 19.12 -1.01 -0.71
N GLY C 167 18.30 -0.57 -1.65
CA GLY C 167 16.84 -0.59 -1.43
C GLY C 167 16.36 -2.00 -1.10
N GLN C 168 16.80 -3.00 -1.88
CA GLN C 168 16.38 -4.41 -1.67
C GLN C 168 16.61 -4.78 -0.20
N SER C 169 17.76 -4.39 0.34
CA SER C 169 18.25 -4.78 1.68
C SER C 169 17.41 -4.10 2.74
N LYS C 170 17.04 -2.84 2.56
CA LYS C 170 16.18 -2.10 3.52
C LYS C 170 14.75 -2.67 3.49
N ALA C 171 14.27 -3.09 2.31
CA ALA C 171 12.93 -3.69 2.12
C ALA C 171 12.90 -5.05 2.83
N ALA C 172 13.94 -5.85 2.66
CA ALA C 172 14.06 -7.16 3.34
C ALA C 172 13.97 -6.95 4.87
N LEU C 173 14.81 -6.09 5.43
CA LEU C 173 14.82 -5.83 6.90
C LEU C 173 13.47 -5.24 7.33
N ASN C 174 12.87 -4.37 6.50
CA ASN C 174 11.49 -3.89 6.74
C ASN C 174 10.55 -5.10 6.90
N TYR C 175 10.53 -6.03 5.95
CA TYR C 175 9.63 -7.19 6.00
C TYR C 175 9.78 -7.89 7.35
N SER C 176 11.03 -8.12 7.78
CA SER C 176 11.39 -8.89 8.99
C SER C 176 11.06 -8.09 10.28
N THR C 177 11.25 -6.77 10.26
CA THR C 177 10.86 -5.81 11.33
C THR C 177 9.34 -5.85 11.56
N LYS C 178 8.57 -5.73 10.50
CA LYS C 178 7.10 -5.86 10.55
C LYS C 178 6.77 -7.16 11.28
N GLU C 179 7.43 -8.27 10.91
CA GLU C 179 7.18 -9.64 11.45
C GLU C 179 7.60 -9.69 12.92
N LEU C 180 8.75 -9.09 13.25
CA LEU C 180 9.27 -9.03 14.64
C LEU C 180 8.30 -8.23 15.51
N ALA C 181 7.76 -7.10 15.01
CA ALA C 181 6.76 -6.28 15.72
C ALA C 181 5.56 -7.15 16.08
N ARG C 182 4.96 -7.86 15.12
CA ARG C 182 3.82 -8.79 15.37
C ARG C 182 4.20 -9.79 16.47
N GLN C 183 5.35 -10.46 16.31
CA GLN C 183 5.81 -11.61 17.16
C GLN C 183 6.04 -11.19 18.62
N LEU C 184 6.47 -9.95 18.87
CA LEU C 184 6.97 -9.49 20.20
C LEU C 184 5.93 -8.61 20.89
N LYS C 185 4.78 -8.40 20.24
CA LYS C 185 3.66 -7.61 20.80
C LYS C 185 3.19 -8.23 22.12
N PRO C 186 2.98 -9.56 22.25
CA PRO C 186 2.53 -10.11 23.52
C PRO C 186 3.46 -9.69 24.67
N GLU C 187 4.75 -9.46 24.37
CA GLU C 187 5.80 -9.11 25.37
C GLU C 187 5.92 -7.60 25.60
N ASN C 188 4.98 -6.79 25.08
CA ASN C 188 4.95 -5.31 25.25
C ASN C 188 6.19 -4.64 24.66
N PHE C 189 6.83 -5.24 23.65
CA PHE C 189 7.96 -4.64 22.89
C PHE C 189 7.39 -3.60 21.93
N ILE C 190 8.11 -2.52 21.72
CA ILE C 190 7.84 -1.52 20.65
C ILE C 190 8.94 -1.68 19.59
N VAL C 191 8.56 -2.21 18.42
CA VAL C 191 9.46 -2.38 17.25
C VAL C 191 9.05 -1.39 16.17
N ALA C 192 10.02 -0.69 15.58
CA ALA C 192 9.81 0.27 14.48
C ALA C 192 10.96 0.22 13.47
N ALA C 193 10.64 0.38 12.17
CA ALA C 193 11.55 0.79 11.06
C ALA C 193 11.49 2.31 10.92
N VAL C 194 12.63 3.00 10.94
CA VAL C 194 12.66 4.49 10.90
C VAL C 194 13.56 4.98 9.76
N HIS C 195 13.03 5.84 8.91
CA HIS C 195 13.82 6.63 7.93
C HIS C 195 14.40 7.84 8.64
N PRO C 196 15.73 7.95 8.76
CA PRO C 196 16.33 9.03 9.54
C PRO C 196 16.47 10.36 8.79
N GLY C 197 15.85 10.48 7.61
CA GLY C 197 16.08 11.56 6.64
C GLY C 197 17.27 11.24 5.75
N VAL C 198 17.56 12.11 4.77
CA VAL C 198 18.79 12.10 3.91
C VAL C 198 19.79 13.10 4.50
N VAL C 199 21.05 12.71 4.76
CA VAL C 199 22.09 13.62 5.35
C VAL C 199 23.35 13.59 4.48
N THR C 227 15.04 19.21 0.67
CA THR C 227 16.33 19.52 1.34
C THR C 227 16.90 18.25 1.99
N LYS C 228 18.23 18.09 1.99
CA LYS C 228 18.96 17.20 2.93
C LYS C 228 18.91 17.85 4.33
N ILE C 229 19.15 17.06 5.39
CA ILE C 229 19.18 17.58 6.80
C ILE C 229 20.51 17.17 7.44
N THR C 230 20.94 17.89 8.48
CA THR C 230 22.23 17.67 9.18
C THR C 230 22.13 16.40 10.00
N PRO C 231 23.26 15.73 10.31
CA PRO C 231 23.26 14.63 11.27
C PRO C 231 22.59 15.07 12.58
N GLU C 232 22.78 16.34 12.97
CA GLU C 232 22.33 16.91 14.28
C GLU C 232 20.81 17.03 14.28
N GLU C 233 20.22 17.39 13.14
CA GLU C 233 18.74 17.53 12.97
C GLU C 233 18.13 16.12 12.95
N SER C 234 18.72 15.21 12.17
CA SER C 234 18.35 13.78 12.11
C SER C 234 18.36 13.20 13.52
N ALA C 235 19.51 13.27 14.19
CA ALA C 235 19.77 12.88 15.59
C ALA C 235 18.62 13.34 16.48
N ALA C 236 18.31 14.63 16.42
CA ALA C 236 17.39 15.33 17.33
C ALA C 236 15.98 14.78 17.12
N ALA C 237 15.57 14.69 15.86
CA ALA C 237 14.28 14.14 15.45
C ALA C 237 14.21 12.66 15.84
N LEU C 238 15.33 11.93 15.78
CA LEU C 238 15.36 10.48 16.14
C LEU C 238 15.21 10.32 17.66
N CYS C 239 15.92 11.10 18.48
CA CYS C 239 15.80 10.99 19.96
C CYS C 239 14.38 11.33 20.42
N LYS C 240 13.72 12.34 19.86
CA LYS C 240 12.27 12.60 20.13
C LYS C 240 11.44 11.32 19.92
N LEU C 241 11.60 10.71 18.74
CA LEU C 241 10.93 9.48 18.25
C LEU C 241 11.21 8.31 19.20
N PHE C 242 12.47 8.06 19.55
CA PHE C 242 12.89 6.97 20.47
C PHE C 242 12.11 7.08 21.78
N GLU C 243 12.02 8.31 22.31
CA GLU C 243 11.37 8.62 23.61
C GLU C 243 9.85 8.43 23.49
N SER C 244 9.21 9.00 22.47
CA SER C 244 7.75 9.21 22.42
C SER C 244 6.99 7.97 21.90
N LEU C 245 7.58 7.16 21.01
CA LEU C 245 6.84 6.10 20.26
C LEU C 245 6.30 5.05 21.25
N ASN C 246 4.98 4.80 21.24
CA ASN C 246 4.23 4.08 22.30
C ASN C 246 3.47 2.88 21.72
N THR C 247 3.56 2.65 20.40
CA THR C 247 2.97 1.47 19.73
C THR C 247 4.02 0.88 18.78
N THR C 248 3.88 -0.41 18.52
CA THR C 248 4.79 -1.26 17.74
C THR C 248 4.31 -1.37 16.28
N GLY C 249 5.15 -1.89 15.38
CA GLY C 249 4.77 -2.22 13.99
C GLY C 249 4.68 -1.01 13.07
N LYS C 250 5.26 0.11 13.46
CA LYS C 250 5.28 1.37 12.65
C LYS C 250 6.53 1.42 11.75
N TYR C 251 6.38 2.00 10.55
CA TYR C 251 7.43 2.46 9.61
C TYR C 251 7.40 3.99 9.63
N LEU C 252 8.40 4.64 10.18
CA LEU C 252 8.32 6.11 10.41
C LEU C 252 9.44 6.81 9.67
N SER C 253 9.14 7.99 9.13
CA SER C 253 10.10 9.08 8.87
C SER C 253 10.48 9.76 10.20
N TYR C 254 11.69 10.31 10.26
CA TYR C 254 12.27 11.03 11.43
C TYR C 254 11.32 12.07 12.04
N ASP C 255 10.39 12.61 11.25
CA ASP C 255 9.41 13.64 11.71
C ASP C 255 8.18 12.99 12.36
N GLY C 256 8.18 11.68 12.62
CA GLY C 256 7.11 11.01 13.37
C GLY C 256 5.94 10.59 12.48
N THR C 257 5.89 11.07 11.23
CA THR C 257 4.88 10.69 10.21
C THR C 257 5.18 9.28 9.70
N GLU C 258 4.15 8.56 9.28
CA GLU C 258 4.22 7.13 8.91
C GLU C 258 4.60 7.05 7.44
N LEU C 259 5.26 5.94 7.07
CA LEU C 259 5.59 5.57 5.66
C LEU C 259 4.85 4.29 5.30
N PRO C 260 4.42 4.13 4.02
CA PRO C 260 3.85 2.86 3.57
C PRO C 260 4.97 1.80 3.46
N TRP C 261 4.73 0.55 3.86
CA TRP C 261 5.74 -0.54 3.79
C TRP C 261 6.11 -0.87 2.33
N GLN D 14 -20.21 -1.51 31.38
CA GLN D 14 -19.85 -1.13 29.97
C GLN D 14 -21.12 -0.97 29.13
N THR D 15 -21.29 0.21 28.51
CA THR D 15 -22.37 0.47 27.53
C THR D 15 -21.80 0.42 26.11
N TYR D 16 -22.26 -0.57 25.33
CA TYR D 16 -22.05 -0.70 23.88
C TYR D 16 -23.19 0.01 23.13
N PHE D 17 -22.89 0.66 22.02
CA PHE D 17 -23.90 1.19 21.05
C PHE D 17 -23.73 0.52 19.69
N ILE D 18 -24.80 -0.01 19.09
CA ILE D 18 -24.81 -0.68 17.75
C ILE D 18 -25.90 -0.02 16.91
N SER D 19 -25.55 0.63 15.80
CA SER D 19 -26.51 1.02 14.74
C SER D 19 -26.93 -0.22 13.94
N GLY D 20 -28.18 -0.31 13.51
CA GLY D 20 -28.63 -1.37 12.58
C GLY D 20 -28.64 -2.74 13.25
N ALA D 21 -29.36 -2.87 14.36
CA ALA D 21 -29.38 -4.08 15.21
C ALA D 21 -30.67 -4.92 14.99
N ASN D 22 -31.53 -4.58 14.02
CA ASN D 22 -32.85 -5.22 13.85
C ASN D 22 -32.66 -6.57 13.15
N ARG D 23 -31.51 -6.77 12.51
CA ARG D 23 -31.23 -7.98 11.70
C ARG D 23 -29.75 -8.02 11.33
N GLY D 24 -29.35 -9.13 10.69
CA GLY D 24 -27.99 -9.31 10.17
C GLY D 24 -27.02 -9.34 11.31
N ILE D 25 -25.74 -9.07 11.01
CA ILE D 25 -24.60 -9.06 11.97
C ILE D 25 -24.96 -8.20 13.19
N GLY D 26 -25.63 -7.07 12.96
CA GLY D 26 -26.06 -6.14 14.02
C GLY D 26 -26.87 -6.83 15.10
N PHE D 27 -27.95 -7.52 14.71
CA PHE D 27 -28.79 -8.37 15.61
C PHE D 27 -27.88 -9.41 16.28
N SER D 28 -27.06 -10.09 15.49
CA SER D 28 -26.14 -11.15 16.01
C SER D 28 -25.16 -10.59 17.05
N VAL D 29 -24.69 -9.35 16.89
CA VAL D 29 -23.77 -8.72 17.88
C VAL D 29 -24.56 -8.46 19.17
N VAL D 30 -25.71 -7.79 19.08
CA VAL D 30 -26.56 -7.43 20.26
C VAL D 30 -26.88 -8.72 21.05
N GLN D 31 -27.18 -9.82 20.35
CA GLN D 31 -27.64 -11.13 20.90
C GLN D 31 -26.52 -11.72 21.75
N ARG D 32 -25.29 -11.63 21.26
CA ARG D 32 -24.06 -12.04 21.97
C ARG D 32 -23.76 -11.10 23.13
N LEU D 33 -23.96 -9.79 22.97
CA LEU D 33 -23.64 -8.81 24.03
C LEU D 33 -24.58 -9.04 25.22
N ALA D 34 -25.83 -9.41 24.93
CA ALA D 34 -26.92 -9.56 25.91
C ALA D 34 -26.63 -10.77 26.80
N ALA D 35 -25.85 -11.73 26.30
CA ALA D 35 -25.46 -12.96 27.01
C ALA D 35 -24.44 -12.62 28.12
N LYS D 36 -23.65 -11.56 27.90
CA LYS D 36 -22.47 -11.17 28.72
C LYS D 36 -22.90 -10.37 29.96
N SER D 37 -22.32 -10.70 31.13
CA SER D 37 -22.60 -10.07 32.45
C SER D 37 -22.39 -8.55 32.37
N GLY D 38 -23.36 -7.76 32.86
CA GLY D 38 -23.24 -6.29 32.99
C GLY D 38 -22.76 -5.60 31.72
N VAL D 39 -23.40 -5.92 30.58
CA VAL D 39 -23.30 -5.15 29.31
C VAL D 39 -24.67 -4.52 29.03
N LYS D 40 -24.75 -3.19 29.06
CA LYS D 40 -25.91 -2.43 28.53
C LYS D 40 -25.66 -2.16 27.05
N VAL D 41 -26.66 -2.46 26.23
CA VAL D 41 -26.59 -2.36 24.75
C VAL D 41 -27.66 -1.37 24.30
N ILE D 42 -27.22 -0.23 23.77
CA ILE D 42 -28.05 0.69 22.94
C ILE D 42 -28.02 0.11 21.52
N ALA D 43 -29.20 -0.25 21.01
CA ALA D 43 -29.41 -0.97 19.74
C ALA D 43 -30.48 -0.20 18.97
N THR D 44 -30.21 0.13 17.71
CA THR D 44 -31.01 1.05 16.86
C THR D 44 -31.67 0.28 15.72
N ALA D 45 -32.78 0.81 15.26
CA ALA D 45 -33.45 0.42 14.01
C ALA D 45 -34.12 1.66 13.40
N ARG D 46 -34.27 1.71 12.08
CA ARG D 46 -35.07 2.75 11.38
C ARG D 46 -36.51 2.73 11.90
N ASP D 47 -37.06 1.53 12.08
CA ASP D 47 -38.46 1.31 12.50
C ASP D 47 -38.46 0.30 13.64
N PRO D 48 -38.16 0.76 14.88
CA PRO D 48 -38.15 -0.11 16.05
C PRO D 48 -39.47 -0.87 16.30
N ALA D 49 -40.62 -0.30 15.90
CA ALA D 49 -41.96 -0.93 16.01
C ALA D 49 -42.04 -2.19 15.16
N SER D 50 -41.29 -2.29 14.05
CA SER D 50 -41.31 -3.45 13.12
C SER D 50 -40.12 -4.38 13.39
N ALA D 51 -39.28 -4.08 14.36
CA ALA D 51 -38.03 -4.82 14.62
C ALA D 51 -38.37 -6.00 15.53
N THR D 52 -39.33 -6.82 15.11
CA THR D 52 -39.92 -7.93 15.91
C THR D 52 -38.82 -8.62 16.72
N ALA D 53 -37.80 -9.18 16.07
CA ALA D 53 -36.78 -10.04 16.71
C ALA D 53 -36.00 -9.26 17.77
N LEU D 54 -35.68 -8.00 17.48
CA LEU D 54 -34.83 -7.14 18.34
C LEU D 54 -35.63 -6.83 19.60
N ASN D 55 -36.86 -6.34 19.45
CA ASN D 55 -37.77 -5.96 20.57
C ASN D 55 -37.91 -7.16 21.51
N GLU D 56 -38.27 -8.32 20.94
CA GLU D 56 -38.28 -9.65 21.60
C GLU D 56 -36.99 -9.85 22.42
N LEU D 57 -35.82 -9.59 21.83
CA LEU D 57 -34.51 -9.71 22.52
C LEU D 57 -34.49 -8.84 23.77
N ALA D 58 -34.87 -7.57 23.64
CA ALA D 58 -34.83 -6.53 24.69
C ALA D 58 -35.88 -6.78 25.80
N LYS D 59 -37.05 -7.32 25.46
CA LYS D 59 -38.05 -7.79 26.47
C LYS D 59 -37.43 -8.94 27.29
N GLU D 60 -36.82 -9.93 26.63
CA GLU D 60 -36.08 -11.07 27.24
C GLU D 60 -34.84 -10.58 28.02
N ASN D 61 -34.20 -9.48 27.60
CA ASN D 61 -32.92 -8.96 28.19
C ASN D 61 -32.99 -7.43 28.30
N PRO D 62 -33.66 -6.85 29.33
CA PRO D 62 -34.02 -5.43 29.30
C PRO D 62 -32.82 -4.46 29.30
N GLN D 63 -31.59 -4.94 29.54
CA GLN D 63 -30.34 -4.16 29.40
C GLN D 63 -30.16 -3.73 27.93
N VAL D 64 -30.80 -4.46 27.00
CA VAL D 64 -30.88 -4.10 25.56
C VAL D 64 -31.95 -3.01 25.41
N LYS D 65 -31.55 -1.76 25.09
CA LYS D 65 -32.46 -0.62 24.82
C LYS D 65 -32.57 -0.40 23.31
N VAL D 66 -33.78 -0.27 22.76
CA VAL D 66 -34.03 -0.16 21.28
C VAL D 66 -34.44 1.27 20.92
N VAL D 67 -33.54 1.97 20.26
CA VAL D 67 -33.61 3.42 19.93
C VAL D 67 -33.85 3.48 18.41
N GLN D 68 -34.55 4.52 17.95
CA GLN D 68 -34.75 4.84 16.51
C GLN D 68 -33.47 5.53 16.01
N LEU D 69 -32.97 5.08 14.84
CA LEU D 69 -31.92 5.76 14.03
C LEU D 69 -32.07 5.35 12.55
N ASP D 70 -32.24 6.34 11.68
CA ASP D 70 -32.06 6.21 10.20
C ASP D 70 -30.83 7.05 9.81
N ILE D 71 -29.65 6.46 9.60
CA ILE D 71 -28.36 7.21 9.35
C ILE D 71 -28.44 8.01 8.04
N SER D 72 -29.42 7.77 7.17
CA SER D 72 -29.59 8.51 5.90
C SER D 72 -30.37 9.80 6.20
N ASP D 73 -30.93 9.93 7.39
CA ASP D 73 -31.84 11.03 7.74
C ASP D 73 -31.17 11.94 8.77
N GLU D 74 -30.75 13.13 8.36
CA GLU D 74 -30.05 14.10 9.23
C GLU D 74 -30.91 14.37 10.48
N GLU D 75 -32.24 14.45 10.33
CA GLU D 75 -33.18 14.78 11.45
C GLU D 75 -33.24 13.63 12.45
N SER D 76 -33.03 12.39 12.01
CA SER D 76 -32.94 11.20 12.90
C SER D 76 -31.65 11.24 13.73
N ILE D 77 -30.52 11.51 13.04
CA ILE D 77 -29.15 11.66 13.64
C ILE D 77 -29.17 12.80 14.66
N LYS D 78 -29.94 13.86 14.39
CA LYS D 78 -30.00 15.05 15.27
C LYS D 78 -30.68 14.70 16.61
N LYS D 79 -31.37 13.56 16.72
CA LYS D 79 -32.02 13.12 17.99
C LYS D 79 -31.22 12.01 18.69
N ILE D 80 -30.23 11.38 18.03
CA ILE D 80 -29.63 10.11 18.55
C ILE D 80 -29.03 10.36 19.95
N ALA D 81 -28.42 11.52 20.21
CA ALA D 81 -27.74 11.81 21.50
C ALA D 81 -28.74 11.85 22.68
N LYS D 82 -29.84 12.58 22.52
CA LYS D 82 -30.99 12.63 23.46
C LYS D 82 -31.55 11.21 23.65
N ASN D 83 -31.95 10.55 22.56
CA ASN D 83 -32.51 9.17 22.57
C ASN D 83 -31.59 8.19 23.34
N VAL D 84 -30.26 8.30 23.18
CA VAL D 84 -29.25 7.42 23.87
C VAL D 84 -29.04 7.95 25.30
N SER D 85 -29.03 9.28 25.47
CA SER D 85 -28.93 9.99 26.77
C SER D 85 -30.01 9.48 27.74
N GLN D 86 -31.17 8.98 27.27
CA GLN D 86 -32.26 8.44 28.11
C GLN D 86 -31.78 7.23 28.92
N TYR D 87 -30.84 6.43 28.40
CA TYR D 87 -30.54 5.08 28.92
C TYR D 87 -29.11 5.00 29.50
N THR D 88 -28.26 5.97 29.19
CA THR D 88 -26.84 5.94 29.59
C THR D 88 -26.29 7.37 29.63
N ASP D 89 -25.32 7.58 30.53
CA ASP D 89 -24.54 8.84 30.64
C ASP D 89 -23.27 8.72 29.78
N SER D 90 -22.98 7.53 29.23
CA SER D 90 -21.72 7.23 28.52
C SER D 90 -21.84 6.01 27.59
N ILE D 91 -21.04 6.03 26.52
CA ILE D 91 -20.77 4.88 25.60
C ILE D 91 -19.32 4.43 25.79
N ASP D 92 -19.10 3.11 25.93
CA ASP D 92 -17.74 2.53 26.10
C ASP D 92 -17.23 2.13 24.73
N VAL D 93 -18.11 1.49 23.94
CA VAL D 93 -17.83 0.93 22.60
C VAL D 93 -18.96 1.35 21.68
N PHE D 94 -18.63 2.17 20.68
CA PHE D 94 -19.49 2.64 19.56
C PHE D 94 -19.24 1.72 18.35
N VAL D 95 -20.31 1.24 17.74
CA VAL D 95 -20.24 0.41 16.51
C VAL D 95 -21.22 1.01 15.48
N SER D 96 -20.65 1.72 14.49
CA SER D 96 -21.32 2.09 13.22
C SER D 96 -21.42 0.85 12.32
N ASN D 97 -22.54 0.13 12.42
CA ASN D 97 -22.82 -1.11 11.67
C ASN D 97 -23.81 -0.79 10.55
N ALA D 98 -24.88 -0.06 10.85
CA ALA D 98 -25.94 0.26 9.87
C ALA D 98 -25.25 0.81 8.63
N ALA D 99 -25.61 0.26 7.47
CA ALA D 99 -24.99 0.62 6.17
C ALA D 99 -25.79 -0.03 5.04
N ILE D 100 -25.59 0.46 3.82
CA ILE D 100 -26.24 -0.10 2.61
C ILE D 100 -25.13 -0.61 1.68
N ALA D 101 -25.53 -1.34 0.65
CA ALA D 101 -24.66 -2.10 -0.26
C ALA D 101 -25.54 -2.49 -1.43
N LYS D 102 -25.84 -1.52 -2.28
CA LYS D 102 -26.95 -1.62 -3.27
C LYS D 102 -26.42 -1.49 -4.70
N SER D 103 -25.22 -0.95 -4.90
CA SER D 103 -24.75 -0.67 -6.27
C SER D 103 -23.32 -1.17 -6.43
N PHE D 104 -23.12 -1.92 -7.51
CA PHE D 104 -21.85 -2.60 -7.85
C PHE D 104 -21.61 -2.37 -9.33
N GLY D 105 -20.46 -2.81 -9.82
CA GLY D 105 -20.18 -2.81 -11.27
C GLY D 105 -19.80 -1.43 -11.83
N PRO D 106 -19.82 -1.32 -13.17
CA PRO D 106 -19.14 -0.22 -13.87
C PRO D 106 -19.61 1.19 -13.48
N LEU D 107 -18.69 2.15 -13.51
CA LEU D 107 -18.99 3.58 -13.26
C LEU D 107 -19.94 4.14 -14.34
N LEU D 108 -19.77 3.74 -15.59
CA LEU D 108 -20.59 4.30 -16.69
C LEU D 108 -22.06 3.94 -16.44
N ASN D 109 -22.28 2.84 -15.71
CA ASN D 109 -23.58 2.16 -15.45
C ASN D 109 -24.05 2.46 -14.01
N THR D 110 -23.36 3.34 -13.29
CA THR D 110 -23.77 3.77 -11.93
C THR D 110 -24.38 5.17 -12.01
N PRO D 111 -25.71 5.32 -11.82
CA PRO D 111 -26.33 6.64 -11.94
C PRO D 111 -26.05 7.49 -10.70
N ARG D 112 -26.29 8.77 -10.88
CA ARG D 112 -26.20 9.82 -9.84
C ARG D 112 -26.70 9.30 -8.48
N GLU D 113 -27.91 8.73 -8.45
CA GLU D 113 -28.65 8.42 -7.20
C GLU D 113 -27.87 7.38 -6.42
N GLN D 114 -27.23 6.43 -7.10
CA GLN D 114 -26.55 5.32 -6.40
C GLN D 114 -25.38 5.97 -5.66
N TRP D 115 -24.71 6.93 -6.30
CA TRP D 115 -23.49 7.56 -5.75
C TRP D 115 -23.89 8.36 -4.52
N ILE D 116 -24.94 9.17 -4.68
CA ILE D 116 -25.41 10.11 -3.65
C ILE D 116 -25.81 9.27 -2.42
N GLU D 117 -26.66 8.28 -2.63
CA GLU D 117 -27.22 7.43 -1.54
C GLU D 117 -26.09 6.76 -0.73
N HIS D 118 -25.11 6.12 -1.39
CA HIS D 118 -24.00 5.48 -0.64
C HIS D 118 -23.24 6.59 0.07
N PHE D 119 -23.14 7.78 -0.50
CA PHE D 119 -22.37 8.83 0.21
C PHE D 119 -23.08 9.14 1.54
N PHE D 120 -24.32 9.62 1.43
CA PHE D 120 -25.13 10.09 2.57
C PHE D 120 -25.29 8.98 3.61
N THR D 121 -25.57 7.75 3.18
CA THR D 121 -25.92 6.65 4.10
C THR D 121 -24.63 6.04 4.70
N ASN D 122 -23.59 5.87 3.88
CA ASN D 122 -22.42 5.05 4.22
C ASN D 122 -21.24 5.90 4.69
N VAL D 123 -21.23 7.20 4.40
CA VAL D 123 -20.07 8.07 4.77
C VAL D 123 -20.53 9.17 5.72
N LEU D 124 -21.40 10.08 5.24
CA LEU D 124 -21.95 11.20 6.05
C LEU D 124 -22.68 10.61 7.26
N GLY D 125 -23.56 9.63 7.02
CA GLY D 125 -24.32 8.98 8.10
C GLY D 125 -23.42 8.71 9.31
N PRO D 126 -22.43 7.80 9.16
CA PRO D 126 -21.54 7.43 10.26
C PRO D 126 -20.71 8.57 10.87
N ILE D 127 -20.32 9.55 10.06
CA ILE D 127 -19.57 10.75 10.52
C ILE D 127 -20.49 11.60 11.42
N ARG D 128 -21.73 11.85 11.02
CA ARG D 128 -22.72 12.59 11.84
C ARG D 128 -23.04 11.77 13.10
N LEU D 129 -23.29 10.46 12.93
CA LEU D 129 -23.58 9.56 14.08
C LEU D 129 -22.48 9.72 15.12
N PHE D 130 -21.22 9.55 14.69
CA PHE D 130 -20.03 9.68 15.57
C PHE D 130 -19.97 11.09 16.17
N GLN D 131 -20.15 12.13 15.35
CA GLN D 131 -20.12 13.55 15.81
C GLN D 131 -21.11 13.76 16.97
N GLU D 132 -22.36 13.33 16.80
CA GLU D 132 -23.45 13.43 17.81
C GLU D 132 -23.09 12.67 19.09
N LEU D 133 -22.53 11.45 18.97
CA LEU D 133 -22.35 10.51 20.10
C LEU D 133 -20.95 10.64 20.71
N TYR D 134 -20.09 11.53 20.20
CA TYR D 134 -18.72 11.70 20.72
C TYR D 134 -18.73 12.15 22.19
N PRO D 135 -19.54 13.18 22.57
CA PRO D 135 -19.63 13.58 23.99
C PRO D 135 -19.98 12.38 24.91
N LEU D 136 -20.93 11.53 24.54
CA LEU D 136 -21.24 10.30 25.34
C LEU D 136 -20.06 9.32 25.30
N ILE D 137 -19.34 9.19 24.17
CA ILE D 137 -18.19 8.25 24.09
C ILE D 137 -17.05 8.77 24.97
N LYS D 138 -16.73 10.05 24.87
CA LYS D 138 -15.72 10.77 25.69
C LYS D 138 -15.92 10.48 27.19
N LYS D 139 -17.16 10.54 27.71
CA LYS D 139 -17.46 10.30 29.14
C LYS D 139 -17.22 8.83 29.54
N GLY D 140 -17.21 7.89 28.57
CA GLY D 140 -17.07 6.44 28.84
C GLY D 140 -15.64 6.06 29.13
N THR D 141 -15.40 4.76 29.36
CA THR D 141 -14.11 4.23 29.90
C THR D 141 -13.26 3.64 28.78
N GLN D 142 -13.83 2.85 27.86
CA GLN D 142 -13.06 2.11 26.82
C GLN D 142 -12.70 3.05 25.66
N LYS D 143 -13.54 4.04 25.35
CA LYS D 143 -13.30 5.05 24.28
C LYS D 143 -12.95 4.28 23.00
N LYS D 144 -13.73 3.24 22.69
CA LYS D 144 -13.53 2.38 21.50
C LYS D 144 -14.55 2.77 20.44
N VAL D 145 -14.07 3.03 19.23
CA VAL D 145 -14.91 3.46 18.07
C VAL D 145 -14.64 2.48 16.93
N PHE D 146 -15.70 1.82 16.50
CA PHE D 146 -15.67 0.81 15.42
C PHE D 146 -16.65 1.24 14.33
N PHE D 147 -16.08 1.49 13.13
CA PHE D 147 -16.82 1.59 11.87
C PHE D 147 -16.70 0.24 11.16
N ILE D 148 -17.84 -0.38 10.93
CA ILE D 148 -17.90 -1.64 10.15
C ILE D 148 -17.73 -1.25 8.69
N SER D 149 -16.52 -1.46 8.19
CA SER D 149 -16.14 -1.13 6.80
C SER D 149 -16.39 -2.38 5.96
N SER D 150 -15.69 -2.49 4.82
CA SER D 150 -15.58 -3.71 4.00
C SER D 150 -14.13 -3.84 3.53
N ASN D 151 -13.66 -5.06 3.25
CA ASN D 151 -12.38 -5.28 2.56
C ASN D 151 -12.48 -4.70 1.15
N ALA D 152 -13.68 -4.69 0.57
CA ALA D 152 -13.96 -4.11 -0.77
C ALA D 152 -13.63 -2.60 -0.77
N GLY D 153 -13.42 -1.99 0.41
CA GLY D 153 -13.13 -0.55 0.58
C GLY D 153 -11.64 -0.25 0.49
N SER D 154 -10.79 -1.28 0.46
CA SER D 154 -9.31 -1.11 0.35
C SER D 154 -8.98 -0.45 -0.99
N LEU D 155 -8.00 0.45 -0.98
CA LEU D 155 -7.41 0.96 -2.24
C LEU D 155 -6.37 -0.04 -2.77
N ASN D 156 -6.05 -1.13 -2.04
CA ASN D 156 -4.89 -2.01 -2.35
C ASN D 156 -5.26 -3.50 -2.40
N LEU D 157 -6.54 -3.84 -2.53
CA LEU D 157 -7.02 -5.24 -2.73
C LEU D 157 -7.74 -5.30 -4.08
N ASP D 158 -7.54 -6.40 -4.80
CA ASP D 158 -8.18 -6.68 -6.11
C ASP D 158 -8.93 -8.01 -6.02
N PHE D 159 -10.26 -7.91 -6.03
CA PHE D 159 -11.19 -9.03 -5.81
C PHE D 159 -11.63 -9.57 -7.16
N GLY D 160 -11.21 -8.94 -8.24
CA GLY D 160 -11.70 -9.29 -9.58
C GLY D 160 -13.14 -8.84 -9.72
N LEU D 161 -13.55 -7.88 -8.90
CA LEU D 161 -14.90 -7.28 -8.91
C LEU D 161 -14.79 -5.74 -8.84
N ASP D 162 -15.76 -5.05 -9.44
CA ASP D 162 -16.05 -3.61 -9.22
C ASP D 162 -17.14 -3.47 -8.16
N PHE D 163 -17.04 -2.44 -7.34
CA PHE D 163 -17.92 -2.20 -6.16
C PHE D 163 -18.60 -0.83 -6.26
N SER D 164 -18.41 -0.13 -7.37
CA SER D 164 -19.18 1.11 -7.68
C SER D 164 -19.26 2.02 -6.44
N ALA D 165 -20.47 2.50 -6.12
CA ALA D 165 -20.73 3.47 -5.04
C ALA D 165 -20.46 2.81 -3.68
N TYR D 166 -20.74 1.50 -3.57
CA TYR D 166 -20.51 0.70 -2.34
C TYR D 166 -19.04 0.81 -1.93
N GLY D 167 -18.14 0.37 -2.80
CA GLY D 167 -16.68 0.39 -2.54
C GLY D 167 -16.19 1.80 -2.24
N GLN D 168 -16.50 2.75 -3.11
CA GLN D 168 -16.18 4.19 -2.97
C GLN D 168 -16.57 4.66 -1.55
N SER D 169 -17.81 4.35 -1.13
CA SER D 169 -18.39 4.75 0.17
C SER D 169 -17.52 4.18 1.29
N LYS D 170 -17.12 2.91 1.20
CA LYS D 170 -16.31 2.28 2.28
C LYS D 170 -14.90 2.88 2.31
N ALA D 171 -14.33 3.18 1.14
CA ALA D 171 -13.01 3.83 0.98
C ALA D 171 -13.04 5.24 1.60
N ALA D 172 -14.07 6.01 1.29
CA ALA D 172 -14.27 7.36 1.85
C ALA D 172 -14.32 7.28 3.38
N LEU D 173 -15.14 6.40 3.93
CA LEU D 173 -15.27 6.30 5.40
C LEU D 173 -13.93 5.80 5.98
N ASN D 174 -13.28 4.86 5.29
CA ASN D 174 -11.92 4.37 5.67
C ASN D 174 -10.98 5.58 5.76
N TYR D 175 -11.01 6.48 4.78
CA TYR D 175 -10.09 7.63 4.80
C TYR D 175 -10.28 8.40 6.12
N SER D 176 -11.54 8.73 6.44
CA SER D 176 -11.94 9.63 7.56
C SER D 176 -11.73 8.89 8.90
N THR D 177 -11.99 7.59 8.94
CA THR D 177 -11.66 6.70 10.07
C THR D 177 -10.16 6.89 10.39
N LYS D 178 -9.31 6.73 9.39
CA LYS D 178 -7.83 6.83 9.58
C LYS D 178 -7.54 8.18 10.21
N GLU D 179 -8.08 9.24 9.63
CA GLU D 179 -7.89 10.64 10.11
C GLU D 179 -8.39 10.76 11.56
N LEU D 180 -9.58 10.21 11.85
CA LEU D 180 -10.21 10.30 13.19
C LEU D 180 -9.31 9.60 14.22
N ALA D 181 -8.78 8.42 13.87
CA ALA D 181 -7.80 7.63 14.67
C ALA D 181 -6.62 8.53 15.08
N ARG D 182 -5.95 9.16 14.12
CA ARG D 182 -4.93 10.24 14.38
C ARG D 182 -5.45 11.27 15.40
N GLN D 183 -6.59 11.91 15.11
CA GLN D 183 -7.05 13.13 15.82
C GLN D 183 -7.35 12.80 17.28
N LEU D 184 -7.78 11.57 17.58
CA LEU D 184 -8.38 11.18 18.89
C LEU D 184 -7.42 10.30 19.70
N LYS D 185 -6.27 9.95 19.11
CA LYS D 185 -5.13 9.27 19.78
C LYS D 185 -4.78 10.03 21.06
N PRO D 186 -4.58 11.37 21.01
CA PRO D 186 -4.26 12.12 22.22
C PRO D 186 -5.44 12.22 23.21
N GLU D 187 -6.49 11.42 23.01
CA GLU D 187 -7.60 11.30 23.99
C GLU D 187 -7.77 9.82 24.35
N ASN D 188 -6.73 9.03 24.09
CA ASN D 188 -6.63 7.56 24.35
C ASN D 188 -7.82 6.84 23.71
N PHE D 189 -8.26 7.27 22.53
CA PHE D 189 -9.38 6.65 21.80
C PHE D 189 -8.84 5.48 20.98
N ILE D 190 -9.65 4.44 20.77
CA ILE D 190 -9.33 3.27 19.92
C ILE D 190 -10.30 3.26 18.75
N VAL D 191 -9.82 3.72 17.59
CA VAL D 191 -10.63 3.84 16.34
C VAL D 191 -10.09 2.81 15.34
N ALA D 192 -11.01 2.07 14.74
CA ALA D 192 -10.75 0.94 13.85
C ALA D 192 -11.85 0.91 12.79
N ALA D 193 -11.48 0.60 11.55
CA ALA D 193 -12.38 0.13 10.48
C ALA D 193 -12.29 -1.40 10.43
N VAL D 194 -13.44 -2.09 10.41
CA VAL D 194 -13.47 -3.56 10.49
C VAL D 194 -14.30 -4.13 9.37
N HIS D 195 -13.73 -5.07 8.62
CA HIS D 195 -14.47 -5.92 7.65
C HIS D 195 -15.07 -7.08 8.44
N PRO D 196 -16.40 -7.18 8.49
CA PRO D 196 -17.06 -8.23 9.26
C PRO D 196 -17.08 -9.62 8.60
N GLY D 197 -16.50 -9.73 7.42
CA GLY D 197 -16.60 -10.92 6.55
C GLY D 197 -17.77 -10.75 5.63
N VAL D 198 -17.99 -11.71 4.73
CA VAL D 198 -19.20 -11.77 3.84
C VAL D 198 -20.21 -12.72 4.51
N VAL D 199 -21.48 -12.34 4.64
CA VAL D 199 -22.55 -13.20 5.23
C VAL D 199 -23.82 -13.10 4.36
N THR D 227 -15.56 -17.00 0.48
CA THR D 227 -15.98 -17.93 1.57
C THR D 227 -16.86 -17.14 2.57
N LYS D 228 -18.11 -17.57 2.70
CA LYS D 228 -19.19 -16.85 3.42
C LYS D 228 -19.21 -17.35 4.87
N ILE D 229 -19.61 -16.48 5.80
CA ILE D 229 -19.74 -16.90 7.22
C ILE D 229 -21.13 -16.46 7.73
N THR D 230 -21.58 -17.12 8.79
CA THR D 230 -22.90 -16.89 9.44
C THR D 230 -22.81 -15.52 10.12
N PRO D 231 -23.95 -14.79 10.23
CA PRO D 231 -24.05 -13.68 11.17
C PRO D 231 -23.47 -14.01 12.56
N GLU D 232 -23.76 -15.21 13.07
CA GLU D 232 -23.39 -15.67 14.44
C GLU D 232 -21.87 -15.68 14.52
N GLU D 233 -21.20 -16.27 13.52
CA GLU D 233 -19.71 -16.37 13.45
C GLU D 233 -19.13 -14.97 13.33
N SER D 234 -19.69 -14.11 12.46
CA SER D 234 -19.20 -12.72 12.22
C SER D 234 -19.19 -11.98 13.55
N ALA D 235 -20.34 -12.08 14.26
CA ALA D 235 -20.65 -11.45 15.55
C ALA D 235 -19.63 -11.85 16.59
N ALA D 236 -19.35 -13.14 16.64
CA ALA D 236 -18.51 -13.76 17.69
C ALA D 236 -17.11 -13.17 17.58
N ALA D 237 -16.63 -13.14 16.34
CA ALA D 237 -15.30 -12.63 15.94
C ALA D 237 -15.21 -11.15 16.29
N LEU D 238 -16.25 -10.39 15.92
CA LEU D 238 -16.33 -8.93 16.17
C LEU D 238 -16.36 -8.65 17.68
N CYS D 239 -17.15 -9.39 18.46
CA CYS D 239 -17.26 -9.17 19.93
C CYS D 239 -15.91 -9.36 20.58
N LYS D 240 -15.22 -10.44 20.21
CA LYS D 240 -13.81 -10.77 20.60
C LYS D 240 -12.90 -9.59 20.21
N LEU D 241 -12.99 -9.12 18.96
CA LEU D 241 -12.21 -7.99 18.36
C LEU D 241 -12.48 -6.70 19.14
N PHE D 242 -13.76 -6.42 19.44
CA PHE D 242 -14.18 -5.20 20.19
C PHE D 242 -13.52 -5.17 21.58
N GLU D 243 -13.42 -6.30 22.30
CA GLU D 243 -12.86 -6.33 23.68
C GLU D 243 -11.34 -6.33 23.62
N SER D 244 -10.71 -7.06 22.68
CA SER D 244 -9.25 -7.31 22.68
C SER D 244 -8.49 -6.08 22.18
N LEU D 245 -9.02 -5.34 21.20
CA LEU D 245 -8.24 -4.36 20.39
C LEU D 245 -7.74 -3.23 21.30
N ASN D 246 -6.45 -2.97 21.28
CA ASN D 246 -5.80 -2.10 22.29
C ASN D 246 -5.13 -0.91 21.60
N THR D 247 -4.92 -0.96 20.29
CA THR D 247 -4.26 0.14 19.52
C THR D 247 -5.27 0.69 18.51
N THR D 248 -5.09 1.97 18.20
CA THR D 248 -5.93 2.76 17.29
C THR D 248 -5.30 2.73 15.88
N GLY D 249 -6.07 3.12 14.86
CA GLY D 249 -5.60 3.34 13.47
C GLY D 249 -5.68 2.08 12.62
N LYS D 250 -6.17 0.96 13.16
CA LYS D 250 -6.10 -0.33 12.45
C LYS D 250 -7.25 -0.46 11.43
N TYR D 251 -7.03 -1.23 10.37
CA TYR D 251 -8.03 -1.69 9.38
C TYR D 251 -7.98 -3.22 9.46
N LEU D 252 -8.99 -3.82 10.07
CA LEU D 252 -8.91 -5.23 10.51
C LEU D 252 -10.03 -5.98 9.81
N SER D 253 -9.74 -7.22 9.38
CA SER D 253 -10.73 -8.28 9.07
C SER D 253 -11.22 -8.87 10.40
N TYR D 254 -12.43 -9.43 10.42
CA TYR D 254 -13.09 -9.99 11.62
C TYR D 254 -12.16 -10.93 12.43
N ASP D 255 -11.24 -11.64 11.75
CA ASP D 255 -10.33 -12.64 12.40
C ASP D 255 -9.24 -11.94 13.21
N GLY D 256 -9.12 -10.62 13.11
CA GLY D 256 -8.12 -9.84 13.87
C GLY D 256 -6.86 -9.53 13.07
N THR D 257 -6.72 -10.08 11.86
CA THR D 257 -5.61 -9.76 10.90
C THR D 257 -5.87 -8.40 10.22
N GLU D 258 -4.78 -7.70 9.88
CA GLU D 258 -4.82 -6.34 9.30
C GLU D 258 -5.14 -6.45 7.81
N LEU D 259 -5.81 -5.42 7.29
CA LEU D 259 -6.01 -5.20 5.82
C LEU D 259 -5.22 -3.97 5.37
N PRO D 260 -4.71 -3.94 4.12
CA PRO D 260 -4.10 -2.73 3.56
C PRO D 260 -5.19 -1.68 3.33
N TRP D 261 -4.98 -0.45 3.79
CA TRP D 261 -5.82 0.69 3.39
C TRP D 261 -5.68 0.82 1.85
#